data_4MS3
#
_entry.id   4MS3
#
_cell.length_a   115.480
_cell.length_b   141.690
_cell.length_c   59.310
_cell.angle_alpha   90.000
_cell.angle_beta   90.000
_cell.angle_gamma   90.000
#
_symmetry.space_group_name_H-M   'P 21 21 2'
#
loop_
_entity.id
_entity.type
_entity.pdbx_description
1 polymer 'Gamma-aminobutyric acid type B receptor subunit 1'
2 polymer 'Gamma-aminobutyric acid type B receptor subunit 2'
3 non-polymer 'GAMMA-AMINO-BUTANOIC ACID'
4 non-polymer 2-acetamido-2-deoxy-beta-D-glucopyranose
5 water water
#
loop_
_entity_poly.entity_id
_entity_poly.type
_entity_poly.pdbx_seq_one_letter_code
_entity_poly.pdbx_strand_id
1 'polypeptide(L)'
;SERRAVYIGALFPMSGGWPGGQACQPAVEMALEDVNSRRDILPDYELKLIHHDSKCDPGQATKYLYELLYNDPIKIILMP
GCSSVSTLVAEAARMWNLIVLSYGSSSPALSNRQRFPTFFRTHPSATLHNPTRVKLFEKWGWKKIATIQQTTEVFTSTLD
DLEERVKEAGIEITFRQSFFSDPAVPVKNLKRQDARIIVGLFYETEARKVFCEVYKERLFGKKYVWFLIGWYADNWFKIY
DPSINCTVDEMTEAVEGHITTEIVMLNPANTRSISNMTSQEFVEKLTKRLKRHPEETGGFQEAPLAYDAIWALALALNKT
SGGGGRSGVRLEDFNYNNQTITDQIYRAMNSSSFEGVSGHVVFDASGSRMAWTLIEQLQGGSYKKIGYYDSTKDDLSWSK
TDKWIGGSPPADDYKDDDDK
;
A
2 'polypeptide(L)'
;WARGAPRPPPSSPPLSIMGLMPLTKEVAKGSIGRGVLPAVELAIEQIRNESLLRPYFLDLRLYDTECDNAKGLKAFYDAI
KYGPNHLMVFGGVCPSVTSIIAESLQGWNLVQLSFAATTPVLADKKKYPYFFRTVPSDNAVNPAILKLLKHYQWKRVGTL
TQDVQRFSEVRNDLTGVLYGEDIEISDTESFSNDPCTSVKKLKGNDVRIILGQFDQNMAAKVFCCAYEENMYGSKYQWII
PGWYEPSWWEQVHTEANSSRCLRKNLLAAMEGYIGVDFEPLSSKQIKTISGKTPQQYEREYNNKRSGVGPSKFHGYAYDG
IWVIAKTLQRAMETLHASSRHQRIQDFNYTDHTLGRIILNAMNETNFFGVTGQVVFRNGERMGTIKFTQFQDSREVKVGE
YNAVADTLEIINDTIRFQGSEPPKDDYKDDDDK
;
B
#
loop_
_chem_comp.id
_chem_comp.type
_chem_comp.name
_chem_comp.formula
ABU non-polymer 'GAMMA-AMINO-BUTANOIC ACID' 'C4 H9 N O2'
NAG D-saccharide, beta linking 2-acetamido-2-deoxy-beta-D-glucopyranose 'C8 H15 N O6'
#
# COMPACT_ATOMS: atom_id res chain seq x y z
N ARG A 3 -34.68 14.23 25.17
CA ARG A 3 -34.14 13.54 23.99
C ARG A 3 -32.87 14.25 23.53
N ARG A 4 -31.74 13.85 24.12
CA ARG A 4 -30.43 14.39 23.77
C ARG A 4 -30.03 13.86 22.40
N ALA A 5 -29.29 14.68 21.63
CA ALA A 5 -28.80 14.25 20.35
C ALA A 5 -27.50 13.48 20.56
N VAL A 6 -27.33 12.40 19.80
CA VAL A 6 -26.15 11.53 19.83
C VAL A 6 -25.76 11.35 18.36
N TYR A 7 -24.51 11.72 18.02
CA TYR A 7 -24.01 11.77 16.64
C TYR A 7 -23.07 10.66 16.20
N ILE A 8 -23.34 10.13 15.00
CA ILE A 8 -22.52 9.11 14.35
C ILE A 8 -21.76 9.81 13.24
N GLY A 9 -20.43 9.69 13.27
CA GLY A 9 -19.54 10.21 12.23
C GLY A 9 -19.32 9.09 11.25
N ALA A 10 -19.94 9.16 10.07
CA ALA A 10 -19.87 8.08 9.11
C ALA A 10 -19.27 8.43 7.76
N LEU A 11 -18.65 7.44 7.12
CA LEU A 11 -18.08 7.58 5.80
C LEU A 11 -18.74 6.58 4.90
N PHE A 12 -19.18 7.05 3.74
CA PHE A 12 -19.86 6.22 2.76
C PHE A 12 -19.15 6.30 1.41
N PRO A 13 -18.70 5.16 0.84
CA PRO A 13 -18.04 5.22 -0.47
C PRO A 13 -19.07 5.26 -1.62
N MET A 14 -19.26 6.44 -2.24
CA MET A 14 -20.22 6.62 -3.34
C MET A 14 -19.65 6.28 -4.71
N SER A 15 -18.32 6.15 -4.77
CA SER A 15 -17.52 5.78 -5.94
C SER A 15 -16.24 5.09 -5.45
N GLY A 16 -15.34 4.75 -6.36
CA GLY A 16 -14.07 4.11 -6.01
C GLY A 16 -14.13 2.60 -6.06
N GLY A 17 -13.14 1.97 -5.42
CA GLY A 17 -12.97 0.52 -5.35
C GLY A 17 -14.26 -0.25 -5.16
N TRP A 18 -14.96 0.05 -4.07
CA TRP A 18 -16.25 -0.54 -3.76
C TRP A 18 -17.22 0.61 -3.52
N PRO A 19 -18.13 0.91 -4.47
CA PRO A 19 -19.07 2.03 -4.27
C PRO A 19 -20.27 1.62 -3.41
N GLY A 20 -19.97 1.01 -2.27
CA GLY A 20 -20.96 0.49 -1.34
C GLY A 20 -21.94 1.46 -0.72
N GLY A 21 -21.56 2.73 -0.60
CA GLY A 21 -22.37 3.78 0.00
C GLY A 21 -23.68 4.02 -0.69
N GLN A 22 -23.73 3.80 -2.02
CA GLN A 22 -24.92 3.97 -2.86
C GLN A 22 -26.19 3.34 -2.27
N ALA A 23 -26.09 2.10 -1.74
CA ALA A 23 -27.21 1.42 -1.07
C ALA A 23 -27.08 1.39 0.45
N CYS A 24 -25.84 1.40 0.98
CA CYS A 24 -25.61 1.38 2.42
C CYS A 24 -26.01 2.66 3.13
N GLN A 25 -25.88 3.84 2.46
CA GLN A 25 -26.31 5.10 3.09
C GLN A 25 -27.85 5.07 3.29
N PRO A 26 -28.69 4.79 2.24
CA PRO A 26 -30.14 4.67 2.48
C PRO A 26 -30.52 3.58 3.48
N ALA A 27 -29.76 2.46 3.52
CA ALA A 27 -30.00 1.38 4.46
C ALA A 27 -29.77 1.89 5.89
N VAL A 28 -28.72 2.71 6.12
CA VAL A 28 -28.40 3.34 7.41
C VAL A 28 -29.53 4.33 7.82
N GLU A 29 -30.02 5.13 6.84
CA GLU A 29 -31.09 6.12 7.03
C GLU A 29 -32.42 5.46 7.40
N MET A 30 -32.70 4.30 6.77
CA MET A 30 -33.91 3.50 7.02
C MET A 30 -33.83 2.96 8.45
N ALA A 31 -32.65 2.45 8.85
CA ALA A 31 -32.41 1.91 10.17
C ALA A 31 -32.50 2.98 11.27
N LEU A 32 -31.95 4.17 11.03
CA LEU A 32 -32.00 5.26 12.02
C LEU A 32 -33.43 5.70 12.35
N GLU A 33 -34.29 5.82 11.32
CA GLU A 33 -35.71 6.13 11.45
C GLU A 33 -36.39 5.12 12.38
N ASP A 34 -36.16 3.81 12.10
CA ASP A 34 -36.72 2.68 12.85
C ASP A 34 -36.27 2.66 14.30
N VAL A 35 -34.97 2.86 14.54
CA VAL A 35 -34.33 2.88 15.86
C VAL A 35 -34.85 4.07 16.71
N ASN A 36 -34.94 5.26 16.09
CA ASN A 36 -35.39 6.49 16.74
C ASN A 36 -36.87 6.39 17.13
N SER A 37 -37.74 5.96 16.18
CA SER A 37 -39.17 5.78 16.41
C SER A 37 -39.49 4.57 17.29
N TYR A 45 -32.60 9.55 24.26
CA TYR A 45 -31.63 9.98 23.25
C TYR A 45 -32.15 9.87 21.82
N GLU A 46 -31.56 10.64 20.88
CA GLU A 46 -31.90 10.62 19.46
C GLU A 46 -30.62 10.41 18.64
N LEU A 47 -30.57 9.31 17.85
CA LEU A 47 -29.41 8.99 17.01
C LEU A 47 -29.41 9.80 15.71
N LYS A 48 -28.36 10.62 15.52
CA LYS A 48 -28.21 11.53 14.37
C LYS A 48 -26.98 11.17 13.52
N LEU A 49 -27.10 11.33 12.19
CA LEU A 49 -26.02 11.01 11.26
C LEU A 49 -25.32 12.22 10.66
N ILE A 50 -23.97 12.25 10.77
CA ILE A 50 -23.12 13.25 10.13
C ILE A 50 -22.24 12.42 9.19
N HIS A 51 -22.44 12.60 7.88
CA HIS A 51 -21.77 11.80 6.87
C HIS A 51 -21.05 12.54 5.74
N HIS A 52 -20.06 11.86 5.13
CA HIS A 52 -19.27 12.34 4.00
C HIS A 52 -19.01 11.18 3.02
N ASP A 53 -18.75 11.53 1.76
CA ASP A 53 -18.44 10.58 0.70
C ASP A 53 -16.91 10.35 0.73
N SER A 54 -16.47 9.15 1.12
CA SER A 54 -15.04 8.80 1.18
C SER A 54 -14.45 8.54 -0.21
N LYS A 55 -15.31 8.20 -1.20
CA LYS A 55 -14.95 7.80 -2.57
C LYS A 55 -14.05 6.55 -2.49
N CYS A 56 -14.17 5.77 -1.39
CA CYS A 56 -13.39 4.55 -1.13
C CYS A 56 -11.89 4.93 -1.21
N ASP A 57 -11.54 6.12 -0.68
CA ASP A 57 -10.21 6.69 -0.76
C ASP A 57 -9.66 7.14 0.58
N PRO A 58 -8.57 6.51 1.08
CA PRO A 58 -8.00 6.93 2.38
C PRO A 58 -7.53 8.39 2.43
N GLY A 59 -7.01 8.92 1.31
CA GLY A 59 -6.59 10.31 1.17
C GLY A 59 -7.73 11.29 1.42
N GLN A 60 -8.88 11.03 0.75
CA GLN A 60 -10.11 11.81 0.90
C GLN A 60 -10.71 11.62 2.30
N ALA A 61 -10.72 10.36 2.82
CA ALA A 61 -11.26 10.07 4.15
C ALA A 61 -10.48 10.79 5.26
N THR A 62 -9.17 10.99 5.04
CA THR A 62 -8.28 11.67 6.01
C THR A 62 -8.75 13.11 6.24
N LYS A 63 -9.17 13.78 5.15
CA LYS A 63 -9.68 15.14 5.25
C LYS A 63 -10.99 15.14 6.04
N TYR A 64 -11.91 14.22 5.71
CA TYR A 64 -13.20 14.09 6.39
C TYR A 64 -13.06 13.62 7.82
N LEU A 65 -12.06 12.77 8.12
CA LEU A 65 -11.81 12.32 9.49
C LEU A 65 -11.41 13.52 10.35
N TYR A 66 -10.55 14.42 9.80
CA TYR A 66 -10.14 15.64 10.49
C TYR A 66 -11.36 16.50 10.84
N GLU A 67 -12.28 16.71 9.88
CA GLU A 67 -13.50 17.51 10.06
C GLU A 67 -14.42 16.91 11.12
N LEU A 68 -14.53 15.57 11.18
CA LEU A 68 -15.38 14.89 12.16
C LEU A 68 -14.82 15.02 13.58
N LEU A 69 -13.49 14.92 13.73
CA LEU A 69 -12.84 14.93 15.03
C LEU A 69 -12.56 16.30 15.61
N TYR A 70 -12.25 17.27 14.73
CA TYR A 70 -11.84 18.63 15.10
C TYR A 70 -12.92 19.70 15.03
N ASN A 71 -14.17 19.27 14.81
CA ASN A 71 -15.35 20.13 14.79
C ASN A 71 -16.44 19.56 15.65
N ASP A 72 -17.17 20.44 16.35
CA ASP A 72 -18.31 20.08 17.16
C ASP A 72 -19.47 19.72 16.21
N PRO A 73 -20.42 18.83 16.58
CA PRO A 73 -20.55 18.15 17.89
C PRO A 73 -19.60 16.98 18.06
N ILE A 74 -19.39 16.55 19.32
CA ILE A 74 -18.59 15.36 19.62
C ILE A 74 -19.40 14.14 19.10
N LYS A 75 -18.70 13.17 18.51
CA LYS A 75 -19.28 11.95 17.96
C LYS A 75 -18.94 10.79 18.86
N ILE A 76 -19.93 9.91 19.13
CA ILE A 76 -19.77 8.75 20.04
C ILE A 76 -19.14 7.55 19.33
N ILE A 77 -19.35 7.48 18.01
CA ILE A 77 -18.87 6.37 17.20
C ILE A 77 -18.55 6.83 15.78
N LEU A 78 -17.61 6.14 15.13
CA LEU A 78 -17.22 6.33 13.75
C LEU A 78 -17.70 5.12 12.94
N MET A 79 -18.31 5.35 11.77
CA MET A 79 -18.83 4.30 10.89
C MET A 79 -18.27 4.32 9.45
N PRO A 80 -17.08 3.70 9.20
CA PRO A 80 -16.53 3.65 7.85
C PRO A 80 -17.00 2.43 7.04
N GLY A 81 -16.84 2.50 5.71
CA GLY A 81 -17.24 1.44 4.79
C GLY A 81 -16.13 0.53 4.29
N CYS A 82 -15.34 1.01 3.28
CA CYS A 82 -14.19 0.33 2.65
C CYS A 82 -13.21 -0.21 3.67
N SER A 83 -12.51 -1.29 3.32
CA SER A 83 -11.45 -1.86 4.14
C SER A 83 -10.30 -0.84 4.34
N SER A 84 -9.85 -0.12 3.26
CA SER A 84 -8.74 0.85 3.36
C SER A 84 -9.08 2.03 4.27
N VAL A 85 -10.30 2.54 4.17
CA VAL A 85 -10.79 3.64 5.01
C VAL A 85 -10.97 3.13 6.45
N SER A 86 -11.62 1.95 6.64
CA SER A 86 -11.80 1.35 7.96
C SER A 86 -10.48 1.04 8.64
N THR A 87 -9.47 0.61 7.89
CA THR A 87 -8.13 0.32 8.43
C THR A 87 -7.49 1.60 8.97
N LEU A 88 -7.59 2.69 8.20
CA LEU A 88 -7.07 4.01 8.58
C LEU A 88 -7.80 4.55 9.79
N VAL A 89 -9.16 4.58 9.78
CA VAL A 89 -9.89 5.10 10.93
C VAL A 89 -9.75 4.23 12.19
N ALA A 90 -9.76 2.87 12.05
CA ALA A 90 -9.61 1.95 13.21
C ALA A 90 -8.21 2.01 13.84
N GLU A 91 -7.17 2.21 13.03
CA GLU A 91 -5.79 2.35 13.53
C GLU A 91 -5.67 3.66 14.32
N ALA A 92 -6.27 4.74 13.81
CA ALA A 92 -6.19 6.08 14.41
C ALA A 92 -7.10 6.30 15.61
N ALA A 93 -8.29 5.66 15.64
CA ALA A 93 -9.32 5.83 16.67
C ALA A 93 -8.91 5.78 18.12
N ARG A 94 -7.87 4.98 18.48
CA ARG A 94 -7.41 4.86 19.87
C ARG A 94 -6.97 6.21 20.45
N MET A 95 -6.44 7.11 19.58
CA MET A 95 -5.98 8.47 19.91
C MET A 95 -7.14 9.34 20.40
N TRP A 96 -8.37 9.00 20.01
CA TRP A 96 -9.57 9.72 20.41
C TRP A 96 -10.53 8.84 21.23
N ASN A 97 -10.06 7.65 21.73
CA ASN A 97 -10.86 6.70 22.52
C ASN A 97 -12.23 6.48 21.89
N LEU A 98 -12.26 6.27 20.57
CA LEU A 98 -13.48 6.11 19.79
C LEU A 98 -13.70 4.69 19.30
N ILE A 99 -14.94 4.22 19.42
CA ILE A 99 -15.35 2.93 18.91
C ILE A 99 -15.56 3.13 17.40
N VAL A 100 -15.10 2.16 16.60
CA VAL A 100 -15.24 2.17 15.14
C VAL A 100 -16.12 0.99 14.77
N LEU A 101 -17.18 1.23 13.98
CA LEU A 101 -18.07 0.17 13.56
C LEU A 101 -18.24 0.18 12.06
N SER A 102 -17.67 -0.83 11.37
CA SER A 102 -17.81 -0.90 9.91
C SER A 102 -18.92 -1.82 9.42
N TYR A 103 -19.61 -1.41 8.37
CA TYR A 103 -20.69 -2.16 7.75
C TYR A 103 -20.21 -2.86 6.45
N GLY A 104 -19.03 -2.48 5.96
CA GLY A 104 -18.55 -3.02 4.70
C GLY A 104 -17.15 -3.57 4.61
N SER A 105 -16.35 -3.44 5.66
CA SER A 105 -14.95 -3.87 5.64
C SER A 105 -14.73 -5.38 5.80
N SER A 106 -14.23 -6.04 4.74
CA SER A 106 -13.98 -7.48 4.75
C SER A 106 -12.55 -7.87 5.10
N SER A 107 -11.64 -6.88 5.18
CA SER A 107 -10.23 -7.15 5.44
C SER A 107 -9.95 -8.12 6.59
N PRO A 108 -9.39 -9.32 6.29
CA PRO A 108 -9.03 -10.24 7.37
C PRO A 108 -8.09 -9.62 8.44
N ALA A 109 -7.19 -8.68 8.05
CA ALA A 109 -6.27 -8.00 8.97
C ALA A 109 -7.00 -7.22 10.08
N LEU A 110 -8.24 -6.79 9.84
CA LEU A 110 -9.04 -6.05 10.82
C LEU A 110 -9.47 -6.90 12.04
N SER A 111 -9.24 -8.24 11.98
CA SER A 111 -9.52 -9.17 13.09
C SER A 111 -8.42 -9.04 14.18
N ASN A 112 -7.34 -8.28 13.90
CA ASN A 112 -6.23 -8.07 14.82
C ASN A 112 -6.62 -7.02 15.87
N ARG A 113 -7.01 -7.52 17.06
CA ARG A 113 -7.44 -6.73 18.21
C ARG A 113 -6.35 -5.87 18.82
N GLN A 114 -5.06 -6.28 18.68
CA GLN A 114 -3.92 -5.49 19.19
C GLN A 114 -3.82 -4.21 18.36
N ARG A 115 -3.92 -4.35 17.03
CA ARG A 115 -3.80 -3.25 16.07
C ARG A 115 -5.09 -2.40 16.00
N PHE A 116 -6.27 -3.03 16.14
CA PHE A 116 -7.57 -2.36 16.03
C PHE A 116 -8.40 -2.63 17.31
N PRO A 117 -7.96 -2.04 18.46
CA PRO A 117 -8.62 -2.34 19.73
C PRO A 117 -10.02 -1.85 20.01
N THR A 118 -10.56 -0.92 19.20
CA THR A 118 -11.92 -0.40 19.41
C THR A 118 -12.83 -0.69 18.22
N PHE A 119 -12.43 -1.64 17.36
CA PHE A 119 -13.10 -1.96 16.12
C PHE A 119 -14.13 -3.10 16.16
N PHE A 120 -15.27 -2.90 15.47
CA PHE A 120 -16.32 -3.89 15.28
C PHE A 120 -16.79 -3.83 13.85
N ARG A 121 -17.37 -4.91 13.36
CA ARG A 121 -17.91 -4.94 12.01
C ARG A 121 -19.04 -5.90 11.90
N THR A 122 -20.05 -5.55 11.10
CA THR A 122 -21.17 -6.44 10.81
C THR A 122 -20.83 -7.24 9.54
N HIS A 123 -19.82 -6.78 8.77
CA HIS A 123 -19.38 -7.48 7.57
C HIS A 123 -18.50 -8.66 8.03
N PRO A 124 -18.71 -9.89 7.52
CA PRO A 124 -17.80 -10.98 7.90
C PRO A 124 -16.38 -10.81 7.33
N SER A 125 -15.41 -11.55 7.86
CA SER A 125 -14.05 -11.51 7.33
C SER A 125 -14.03 -12.23 5.96
N ALA A 126 -13.23 -11.71 5.00
CA ALA A 126 -13.05 -12.28 3.66
C ALA A 126 -12.48 -13.71 3.71
N THR A 127 -11.92 -14.14 4.88
CA THR A 127 -11.39 -15.51 5.06
C THR A 127 -12.46 -16.56 4.75
N LEU A 128 -13.74 -16.22 4.90
CA LEU A 128 -14.82 -17.14 4.59
C LEU A 128 -14.85 -17.64 3.11
N HIS A 129 -14.28 -16.88 2.17
CA HIS A 129 -14.19 -17.31 0.76
C HIS A 129 -13.27 -18.52 0.62
N ASN A 130 -12.23 -18.59 1.46
CA ASN A 130 -11.16 -19.58 1.36
C ASN A 130 -11.53 -21.04 1.52
N PRO A 131 -12.29 -21.47 2.55
CA PRO A 131 -12.74 -22.88 2.60
C PRO A 131 -13.61 -23.26 1.39
N THR A 132 -14.36 -22.30 0.82
CA THR A 132 -15.17 -22.54 -0.38
C THR A 132 -14.25 -22.75 -1.59
N ARG A 133 -13.23 -21.90 -1.75
CA ARG A 133 -12.27 -22.05 -2.85
C ARG A 133 -11.60 -23.42 -2.76
N VAL A 134 -11.17 -23.80 -1.54
CA VAL A 134 -10.54 -25.10 -1.30
C VAL A 134 -11.49 -26.28 -1.64
N LYS A 135 -12.76 -26.20 -1.22
CA LYS A 135 -13.78 -27.24 -1.48
C LYS A 135 -13.93 -27.45 -2.99
N LEU A 136 -13.95 -26.36 -3.77
CA LEU A 136 -14.07 -26.42 -5.23
C LEU A 136 -12.81 -26.95 -5.90
N PHE A 137 -11.61 -26.61 -5.36
CA PHE A 137 -10.34 -27.15 -5.88
C PHE A 137 -10.34 -28.67 -5.71
N GLU A 138 -10.80 -29.13 -4.54
CA GLU A 138 -10.91 -30.56 -4.22
C GLU A 138 -11.92 -31.23 -5.15
N LYS A 139 -13.10 -30.60 -5.35
CA LYS A 139 -14.16 -31.14 -6.20
C LYS A 139 -13.63 -31.34 -7.61
N TRP A 140 -12.91 -30.33 -8.12
CA TRP A 140 -12.37 -30.32 -9.47
C TRP A 140 -10.97 -30.94 -9.63
N GLY A 141 -10.43 -31.47 -8.55
CA GLY A 141 -9.17 -32.23 -8.53
C GLY A 141 -7.90 -31.45 -8.76
N TRP A 142 -7.91 -30.14 -8.42
CA TRP A 142 -6.75 -29.29 -8.61
C TRP A 142 -5.86 -29.20 -7.39
N LYS A 143 -4.54 -29.39 -7.57
CA LYS A 143 -3.54 -29.28 -6.49
C LYS A 143 -2.49 -28.20 -6.77
N LYS A 144 -2.64 -27.49 -7.91
CA LYS A 144 -1.71 -26.43 -8.34
C LYS A 144 -2.54 -25.21 -8.74
N ILE A 145 -2.34 -24.12 -8.02
CA ILE A 145 -3.08 -22.88 -8.20
C ILE A 145 -2.10 -21.71 -8.34
N ALA A 146 -2.50 -20.69 -9.10
CA ALA A 146 -1.74 -19.45 -9.23
C ALA A 146 -2.55 -18.34 -8.59
N THR A 147 -1.87 -17.28 -8.12
CA THR A 147 -2.57 -16.14 -7.52
C THR A 147 -2.08 -14.83 -8.12
N ILE A 148 -3.02 -13.89 -8.28
CA ILE A 148 -2.75 -12.52 -8.73
C ILE A 148 -3.56 -11.62 -7.82
N GLN A 149 -2.89 -10.66 -7.17
CA GLN A 149 -3.58 -9.74 -6.25
C GLN A 149 -3.18 -8.30 -6.47
N GLN A 150 -4.10 -7.39 -6.20
CA GLN A 150 -3.79 -5.97 -6.14
C GLN A 150 -3.39 -5.79 -4.65
N THR A 151 -2.38 -4.96 -4.40
CA THR A 151 -1.75 -4.79 -3.09
C THR A 151 -2.45 -3.96 -2.00
N THR A 152 -3.78 -4.01 -1.88
CA THR A 152 -4.45 -3.38 -0.75
C THR A 152 -4.44 -4.51 0.31
N GLU A 153 -4.30 -4.17 1.58
CA GLU A 153 -4.24 -5.15 2.66
C GLU A 153 -5.42 -6.15 2.74
N VAL A 154 -6.63 -5.72 2.30
CA VAL A 154 -7.80 -6.60 2.26
C VAL A 154 -7.48 -7.88 1.46
N PHE A 155 -6.84 -7.72 0.29
CA PHE A 155 -6.49 -8.80 -0.62
C PHE A 155 -5.27 -9.58 -0.16
N THR A 156 -4.21 -8.87 0.27
CA THR A 156 -2.99 -9.51 0.74
C THR A 156 -3.26 -10.39 1.95
N SER A 157 -4.06 -9.90 2.92
CA SER A 157 -4.40 -10.69 4.11
C SER A 157 -5.34 -11.86 3.81
N THR A 158 -6.19 -11.74 2.76
CA THR A 158 -7.06 -12.84 2.30
C THR A 158 -6.14 -13.93 1.70
N LEU A 159 -5.14 -13.53 0.89
CA LEU A 159 -4.20 -14.47 0.30
C LEU A 159 -3.33 -15.15 1.35
N ASP A 160 -2.92 -14.43 2.41
CA ASP A 160 -2.17 -15.01 3.53
C ASP A 160 -2.99 -16.15 4.16
N ASP A 161 -4.31 -15.94 4.35
CA ASP A 161 -5.19 -16.97 4.90
C ASP A 161 -5.36 -18.13 3.90
N LEU A 162 -5.53 -17.82 2.60
CA LEU A 162 -5.67 -18.84 1.56
C LEU A 162 -4.46 -19.77 1.51
N GLU A 163 -3.24 -19.21 1.63
CA GLU A 163 -1.98 -19.99 1.64
C GLU A 163 -2.00 -21.05 2.74
N GLU A 164 -2.54 -20.71 3.92
CA GLU A 164 -2.64 -21.61 5.07
C GLU A 164 -3.66 -22.72 4.78
N ARG A 165 -4.83 -22.36 4.24
CA ARG A 165 -5.90 -23.32 3.92
C ARG A 165 -5.52 -24.27 2.80
N VAL A 166 -4.80 -23.79 1.76
CA VAL A 166 -4.35 -24.67 0.66
C VAL A 166 -3.29 -25.66 1.17
N LYS A 167 -2.35 -25.20 2.01
CA LYS A 167 -1.27 -26.00 2.59
C LYS A 167 -1.86 -27.15 3.39
N GLU A 168 -2.91 -26.87 4.17
CA GLU A 168 -3.66 -27.80 5.00
C GLU A 168 -4.32 -28.89 4.14
N ALA A 169 -4.78 -28.52 2.93
CA ALA A 169 -5.45 -29.45 2.02
C ALA A 169 -4.52 -30.15 1.01
N GLY A 170 -3.20 -29.94 1.14
CA GLY A 170 -2.22 -30.53 0.24
C GLY A 170 -2.27 -29.93 -1.16
N ILE A 171 -2.59 -28.64 -1.24
CA ILE A 171 -2.69 -27.89 -2.49
C ILE A 171 -1.58 -26.85 -2.48
N GLU A 172 -0.91 -26.63 -3.61
CA GLU A 172 0.17 -25.67 -3.66
C GLU A 172 -0.16 -24.46 -4.50
N ILE A 173 0.34 -23.28 -4.06
CA ILE A 173 0.28 -22.05 -4.83
C ILE A 173 1.62 -22.10 -5.57
N THR A 174 1.60 -22.45 -6.85
CA THR A 174 2.82 -22.62 -7.65
C THR A 174 3.37 -21.33 -8.27
N PHE A 175 2.57 -20.26 -8.29
CA PHE A 175 2.97 -18.97 -8.84
C PHE A 175 2.16 -17.85 -8.22
N ARG A 176 2.82 -16.73 -7.88
CA ARG A 176 2.18 -15.54 -7.31
C ARG A 176 2.65 -14.31 -8.02
N GLN A 177 1.73 -13.37 -8.22
CA GLN A 177 2.03 -12.09 -8.83
C GLN A 177 1.19 -11.06 -8.11
N SER A 178 1.71 -9.85 -8.00
CA SER A 178 1.04 -8.73 -7.33
C SER A 178 1.29 -7.48 -8.13
N PHE A 179 0.40 -6.51 -7.97
CA PHE A 179 0.51 -5.21 -8.63
C PHE A 179 -0.16 -4.16 -7.77
N PHE A 180 0.26 -2.92 -7.90
CA PHE A 180 -0.36 -1.82 -7.19
C PHE A 180 -1.50 -1.25 -8.07
N SER A 181 -1.20 -0.92 -9.34
CA SER A 181 -2.21 -0.37 -10.25
C SER A 181 -2.19 -0.97 -11.65
N ASP A 182 -1.01 -1.33 -12.16
CA ASP A 182 -0.87 -1.90 -13.50
C ASP A 182 -0.61 -3.42 -13.49
N PRO A 183 -1.60 -4.22 -13.96
CA PRO A 183 -1.42 -5.69 -13.96
C PRO A 183 -0.74 -6.28 -15.20
N ALA A 184 -0.28 -5.43 -16.14
CA ALA A 184 0.38 -5.84 -17.39
C ALA A 184 1.46 -6.92 -17.22
N VAL A 185 2.47 -6.67 -16.34
CA VAL A 185 3.58 -7.61 -16.07
C VAL A 185 3.05 -8.89 -15.38
N PRO A 186 2.28 -8.82 -14.26
CA PRO A 186 1.73 -10.05 -13.65
C PRO A 186 0.98 -10.97 -14.61
N VAL A 187 0.12 -10.41 -15.49
CA VAL A 187 -0.66 -11.19 -16.45
C VAL A 187 0.24 -11.84 -17.50
N LYS A 188 1.23 -11.09 -18.04
CA LYS A 188 2.20 -11.62 -19.01
C LYS A 188 2.95 -12.79 -18.37
N ASN A 189 3.38 -12.64 -17.11
CA ASN A 189 4.08 -13.69 -16.36
C ASN A 189 3.22 -14.91 -16.11
N LEU A 190 1.91 -14.74 -15.84
CA LEU A 190 1.02 -15.89 -15.65
C LEU A 190 0.94 -16.72 -16.92
N LYS A 191 0.88 -16.04 -18.08
CA LYS A 191 0.83 -16.68 -19.39
C LYS A 191 2.11 -17.48 -19.67
N ARG A 192 3.29 -16.86 -19.45
CA ARG A 192 4.60 -17.50 -19.65
C ARG A 192 4.86 -18.69 -18.72
N GLN A 193 4.28 -18.66 -17.50
CA GLN A 193 4.42 -19.74 -16.52
C GLN A 193 3.47 -20.90 -16.81
N ASP A 194 2.54 -20.72 -17.76
CA ASP A 194 1.52 -21.71 -18.12
C ASP A 194 0.61 -22.03 -16.92
N ALA A 195 0.25 -20.97 -16.16
CA ALA A 195 -0.68 -21.08 -15.02
C ALA A 195 -2.05 -21.44 -15.61
N ARG A 196 -2.84 -22.27 -14.91
CA ARG A 196 -4.12 -22.74 -15.41
C ARG A 196 -5.26 -22.29 -14.52
N ILE A 197 -5.18 -22.63 -13.22
CA ILE A 197 -6.18 -22.26 -12.21
C ILE A 197 -5.68 -21.04 -11.48
N ILE A 198 -6.39 -19.92 -11.60
CA ILE A 198 -5.95 -18.63 -11.08
C ILE A 198 -6.97 -17.95 -10.18
N VAL A 199 -6.52 -17.54 -8.99
CA VAL A 199 -7.32 -16.80 -8.02
C VAL A 199 -6.89 -15.32 -8.16
N GLY A 200 -7.83 -14.46 -8.51
CA GLY A 200 -7.59 -13.04 -8.68
C GLY A 200 -8.30 -12.23 -7.63
N LEU A 201 -7.56 -11.48 -6.80
CA LEU A 201 -8.10 -10.65 -5.72
C LEU A 201 -7.85 -9.17 -5.94
N PHE A 202 -8.89 -8.43 -6.29
CA PHE A 202 -8.82 -7.00 -6.60
C PHE A 202 -10.22 -6.42 -6.66
N TYR A 203 -10.33 -5.10 -6.57
CA TYR A 203 -11.61 -4.44 -6.73
C TYR A 203 -12.04 -4.48 -8.19
N GLU A 204 -13.31 -4.27 -8.45
CA GLU A 204 -13.95 -4.23 -9.76
C GLU A 204 -13.16 -3.37 -10.76
N THR A 205 -12.77 -2.15 -10.37
CA THR A 205 -12.00 -1.21 -11.19
C THR A 205 -10.71 -1.85 -11.73
N GLU A 206 -9.95 -2.51 -10.86
CA GLU A 206 -8.72 -3.22 -11.24
C GLU A 206 -9.02 -4.50 -12.01
N ALA A 207 -10.17 -5.14 -11.75
CA ALA A 207 -10.61 -6.34 -12.48
C ALA A 207 -10.70 -6.08 -13.98
N ARG A 208 -11.18 -4.89 -14.40
CA ARG A 208 -11.26 -4.49 -15.81
C ARG A 208 -9.90 -4.39 -16.45
N LYS A 209 -8.92 -3.81 -15.72
CA LYS A 209 -7.54 -3.69 -16.19
C LYS A 209 -6.92 -5.07 -16.33
N VAL A 210 -7.17 -5.95 -15.35
CA VAL A 210 -6.68 -7.34 -15.37
C VAL A 210 -7.22 -8.07 -16.60
N PHE A 211 -8.55 -8.04 -16.82
CA PHE A 211 -9.19 -8.76 -17.92
C PHE A 211 -8.92 -8.24 -19.32
N CYS A 212 -8.56 -6.95 -19.44
CA CYS A 212 -8.13 -6.42 -20.72
C CYS A 212 -6.75 -7.03 -21.06
N GLU A 213 -5.85 -7.14 -20.05
CA GLU A 213 -4.54 -7.80 -20.19
C GLU A 213 -4.72 -9.31 -20.47
N VAL A 214 -5.74 -9.93 -19.83
CA VAL A 214 -6.10 -11.35 -20.00
C VAL A 214 -6.49 -11.58 -21.48
N TYR A 215 -7.28 -10.64 -22.06
CA TYR A 215 -7.66 -10.74 -23.48
C TYR A 215 -6.41 -10.68 -24.36
N LYS A 216 -5.58 -9.65 -24.17
CA LYS A 216 -4.36 -9.43 -24.96
C LYS A 216 -3.39 -10.61 -24.92
N GLU A 217 -3.23 -11.22 -23.73
CA GLU A 217 -2.33 -12.37 -23.52
C GLU A 217 -3.01 -13.70 -23.85
N ARG A 218 -4.31 -13.68 -24.19
CA ARG A 218 -5.09 -14.90 -24.46
C ARG A 218 -5.05 -15.84 -23.23
N LEU A 219 -5.18 -15.27 -22.03
CA LEU A 219 -5.14 -16.03 -20.78
C LEU A 219 -6.58 -16.39 -20.36
N PHE A 220 -7.35 -16.89 -21.33
CA PHE A 220 -8.74 -17.28 -21.20
C PHE A 220 -9.04 -18.38 -22.22
N GLY A 221 -10.06 -19.15 -21.94
CA GLY A 221 -10.44 -20.26 -22.80
C GLY A 221 -10.56 -21.55 -22.02
N LYS A 222 -10.64 -22.64 -22.76
CA LYS A 222 -10.81 -24.00 -22.23
C LYS A 222 -9.83 -24.34 -21.10
N LYS A 223 -8.53 -24.07 -21.25
CA LYS A 223 -7.52 -24.44 -20.25
C LYS A 223 -7.47 -23.59 -18.97
N TYR A 224 -8.12 -22.43 -18.97
CA TYR A 224 -8.01 -21.46 -17.90
C TYR A 224 -9.24 -21.29 -17.06
N VAL A 225 -9.07 -21.30 -15.74
CA VAL A 225 -10.18 -21.08 -14.82
C VAL A 225 -9.81 -19.96 -13.86
N TRP A 226 -10.57 -18.88 -13.91
CA TRP A 226 -10.41 -17.73 -13.03
C TRP A 226 -11.39 -17.80 -11.89
N PHE A 227 -10.91 -17.56 -10.66
CA PHE A 227 -11.72 -17.46 -9.44
C PHE A 227 -11.64 -16.03 -8.98
N LEU A 228 -12.79 -15.34 -8.93
CA LEU A 228 -12.87 -13.95 -8.54
C LEU A 228 -13.83 -13.74 -7.39
N ILE A 229 -13.84 -12.54 -6.84
CA ILE A 229 -14.73 -12.12 -5.76
C ILE A 229 -16.09 -11.78 -6.44
N GLY A 230 -17.17 -12.30 -5.89
CA GLY A 230 -18.51 -12.15 -6.43
C GLY A 230 -19.29 -10.91 -6.10
N TRP A 231 -18.70 -9.93 -5.41
CA TRP A 231 -19.50 -8.76 -5.07
C TRP A 231 -19.38 -7.56 -6.01
N TYR A 232 -18.84 -7.77 -7.22
CA TYR A 232 -18.79 -6.77 -8.28
C TYR A 232 -20.21 -6.55 -8.82
N ALA A 233 -20.46 -5.46 -9.55
CA ALA A 233 -21.74 -5.27 -10.21
C ALA A 233 -21.81 -6.35 -11.28
N ASP A 234 -23.00 -6.88 -11.57
CA ASP A 234 -23.20 -7.91 -12.58
C ASP A 234 -22.65 -7.58 -13.98
N ASN A 235 -22.61 -6.30 -14.35
CA ASN A 235 -22.16 -5.83 -15.66
C ASN A 235 -20.73 -5.28 -15.65
N TRP A 236 -19.97 -5.51 -14.55
CA TRP A 236 -18.62 -4.97 -14.34
C TRP A 236 -17.67 -4.97 -15.56
N PHE A 237 -17.63 -6.07 -16.33
CA PHE A 237 -16.76 -6.23 -17.50
C PHE A 237 -17.29 -5.51 -18.77
N LYS A 238 -18.54 -5.04 -18.74
CA LYS A 238 -19.21 -4.37 -19.87
C LYS A 238 -19.15 -2.84 -19.82
N ILE A 239 -18.70 -2.27 -18.69
CA ILE A 239 -18.63 -0.84 -18.43
C ILE A 239 -17.50 -0.15 -19.16
N TYR A 240 -17.77 1.05 -19.76
CA TYR A 240 -16.74 1.84 -20.43
C TYR A 240 -15.65 2.19 -19.42
N ASP A 241 -14.41 2.07 -19.84
CA ASP A 241 -13.28 2.38 -18.99
C ASP A 241 -12.18 3.01 -19.85
N PRO A 242 -11.85 4.31 -19.63
CA PRO A 242 -10.82 4.97 -20.45
C PRO A 242 -9.44 4.37 -20.29
N SER A 243 -9.19 3.69 -19.15
CA SER A 243 -7.89 3.06 -18.85
C SER A 243 -7.70 1.73 -19.58
N ILE A 244 -8.73 1.23 -20.28
CA ILE A 244 -8.65 -0.02 -21.03
C ILE A 244 -8.94 0.19 -22.53
N ASN A 245 -8.13 -0.44 -23.40
CA ASN A 245 -8.27 -0.40 -24.86
C ASN A 245 -9.27 -1.46 -25.38
N CYS A 246 -9.46 -2.55 -24.60
CA CYS A 246 -10.35 -3.67 -24.95
C CYS A 246 -11.78 -3.23 -25.09
N THR A 247 -12.47 -3.76 -26.11
CA THR A 247 -13.87 -3.47 -26.38
C THR A 247 -14.75 -4.34 -25.46
N VAL A 248 -16.05 -4.06 -25.40
CA VAL A 248 -17.02 -4.81 -24.59
C VAL A 248 -17.07 -6.28 -25.01
N ASP A 249 -17.03 -6.58 -26.33
CA ASP A 249 -17.05 -7.95 -26.82
C ASP A 249 -15.79 -8.73 -26.49
N GLU A 250 -14.62 -8.05 -26.47
CA GLU A 250 -13.34 -8.66 -26.14
C GLU A 250 -13.33 -9.01 -24.64
N MET A 251 -13.80 -8.06 -23.79
CA MET A 251 -13.91 -8.23 -22.35
C MET A 251 -14.85 -9.37 -22.00
N THR A 252 -16.02 -9.41 -22.66
CA THR A 252 -17.06 -10.43 -22.50
C THR A 252 -16.48 -11.81 -22.83
N GLU A 253 -15.64 -11.91 -23.88
CA GLU A 253 -15.05 -13.19 -24.15
C GLU A 253 -13.97 -13.59 -23.15
N ALA A 254 -13.14 -12.61 -22.68
CA ALA A 254 -12.09 -12.87 -21.68
C ALA A 254 -12.64 -13.35 -20.33
N VAL A 255 -13.83 -12.89 -19.91
CA VAL A 255 -14.43 -13.26 -18.63
C VAL A 255 -15.31 -14.53 -18.68
N GLU A 256 -15.58 -15.06 -19.87
CA GLU A 256 -16.45 -16.24 -20.02
C GLU A 256 -16.05 -17.47 -19.18
N GLY A 257 -17.02 -17.98 -18.44
CA GLY A 257 -16.87 -19.19 -17.63
C GLY A 257 -16.22 -19.06 -16.27
N HIS A 258 -15.80 -17.84 -15.88
CA HIS A 258 -15.12 -17.66 -14.59
C HIS A 258 -16.05 -17.94 -13.42
N ILE A 259 -15.46 -18.31 -12.28
CA ILE A 259 -16.15 -18.64 -11.03
C ILE A 259 -16.00 -17.52 -10.03
N THR A 260 -17.07 -17.25 -9.30
CA THR A 260 -17.05 -16.25 -8.23
C THR A 260 -17.58 -16.85 -6.94
N THR A 261 -17.17 -16.28 -5.81
CA THR A 261 -17.64 -16.63 -4.48
C THR A 261 -18.04 -15.35 -3.77
N GLU A 262 -19.10 -15.40 -2.99
CA GLU A 262 -19.58 -14.28 -2.18
C GLU A 262 -20.21 -14.85 -0.94
N ILE A 263 -20.41 -14.03 0.06
CA ILE A 263 -21.01 -14.46 1.32
C ILE A 263 -22.47 -14.09 1.29
N VAL A 264 -23.34 -15.00 1.77
CA VAL A 264 -24.77 -14.76 1.85
C VAL A 264 -24.96 -13.83 3.05
N MET A 265 -25.42 -12.60 2.78
CA MET A 265 -25.61 -11.56 3.80
C MET A 265 -27.07 -11.30 4.17
N LEU A 266 -28.01 -11.87 3.44
CA LEU A 266 -29.42 -11.71 3.71
C LEU A 266 -29.95 -13.08 4.11
N ASN A 267 -30.76 -13.13 5.18
CA ASN A 267 -31.34 -14.38 5.64
C ASN A 267 -32.20 -15.04 4.54
N PRO A 268 -31.87 -16.29 4.11
CA PRO A 268 -32.68 -16.94 3.05
C PRO A 268 -34.07 -17.39 3.54
N ALA A 269 -34.26 -17.55 4.86
CA ALA A 269 -35.53 -17.93 5.47
C ALA A 269 -36.44 -16.68 5.61
N ASN A 270 -37.74 -16.86 5.33
CA ASN A 270 -38.78 -15.83 5.37
C ASN A 270 -39.24 -15.49 6.83
N THR A 271 -38.28 -15.23 7.74
CA THR A 271 -38.63 -14.88 9.13
C THR A 271 -38.61 -13.37 9.34
N ARG A 272 -39.14 -12.89 10.48
CA ARG A 272 -39.17 -11.47 10.84
C ARG A 272 -38.10 -11.19 11.90
N SER A 273 -37.21 -10.21 11.63
CA SER A 273 -36.13 -9.87 12.57
C SER A 273 -36.58 -8.86 13.65
N ILE A 274 -35.61 -8.35 14.50
CA ILE A 274 -35.84 -7.33 15.55
C ILE A 274 -36.62 -6.09 15.02
N SER A 275 -36.35 -5.69 13.76
CA SER A 275 -36.99 -4.58 13.05
C SER A 275 -38.44 -4.91 12.66
N ASN A 276 -38.82 -6.21 12.71
CA ASN A 276 -40.14 -6.75 12.36
C ASN A 276 -40.34 -6.88 10.82
N MET A 277 -39.24 -6.81 10.08
CA MET A 277 -39.25 -6.96 8.63
C MET A 277 -38.72 -8.34 8.23
N THR A 278 -39.15 -8.82 7.06
CA THR A 278 -38.63 -10.05 6.47
C THR A 278 -37.59 -9.58 5.47
N SER A 279 -36.66 -10.47 5.09
CA SER A 279 -35.60 -10.19 4.14
C SER A 279 -36.17 -9.58 2.83
N GLN A 280 -37.31 -10.12 2.37
CA GLN A 280 -38.02 -9.72 1.16
C GLN A 280 -38.63 -8.32 1.23
N GLU A 281 -39.18 -7.93 2.39
CA GLU A 281 -39.76 -6.60 2.59
C GLU A 281 -38.69 -5.53 2.71
N PHE A 282 -37.50 -5.91 3.25
CA PHE A 282 -36.34 -5.02 3.37
C PHE A 282 -35.89 -4.61 1.98
N VAL A 283 -35.84 -5.57 1.06
CA VAL A 283 -35.47 -5.38 -0.35
C VAL A 283 -36.44 -4.43 -1.06
N GLU A 284 -37.78 -4.57 -0.86
CA GLU A 284 -38.77 -3.68 -1.47
C GLU A 284 -38.66 -2.29 -0.85
N LYS A 285 -38.49 -2.21 0.49
CA LYS A 285 -38.33 -0.96 1.23
C LYS A 285 -37.10 -0.20 0.75
N LEU A 286 -35.94 -0.90 0.63
CA LEU A 286 -34.69 -0.31 0.15
C LEU A 286 -34.84 0.16 -1.29
N THR A 287 -35.53 -0.66 -2.11
CA THR A 287 -35.83 -0.34 -3.51
C THR A 287 -36.73 0.91 -3.59
N LYS A 288 -37.67 1.09 -2.61
CA LYS A 288 -38.56 2.25 -2.51
C LYS A 288 -37.73 3.54 -2.35
N ARG A 289 -36.60 3.44 -1.63
CA ARG A 289 -35.68 4.56 -1.36
C ARG A 289 -34.70 4.87 -2.49
N LEU A 290 -34.34 3.87 -3.30
CA LEU A 290 -33.36 4.03 -4.38
C LEU A 290 -33.90 4.75 -5.61
N THR A 297 -27.24 -0.28 -8.28
CA THR A 297 -26.79 0.40 -7.08
C THR A 297 -25.72 -0.38 -6.31
N GLY A 298 -24.54 0.23 -6.16
CA GLY A 298 -23.41 -0.33 -5.44
C GLY A 298 -23.74 -0.57 -3.98
N GLY A 299 -23.28 -1.69 -3.46
CA GLY A 299 -23.50 -2.06 -2.07
C GLY A 299 -24.85 -2.67 -1.75
N PHE A 300 -25.69 -2.97 -2.79
CA PHE A 300 -27.03 -3.55 -2.56
C PHE A 300 -26.98 -4.84 -1.75
N GLN A 301 -26.05 -5.76 -2.10
CA GLN A 301 -25.86 -7.02 -1.38
C GLN A 301 -25.37 -6.81 0.08
N GLU A 302 -24.60 -5.72 0.33
CA GLU A 302 -24.08 -5.41 1.68
C GLU A 302 -25.04 -4.56 2.52
N ALA A 303 -26.06 -3.94 1.88
CA ALA A 303 -27.07 -3.11 2.56
C ALA A 303 -27.63 -3.71 3.86
N PRO A 304 -27.98 -5.03 3.95
CA PRO A 304 -28.46 -5.59 5.23
C PRO A 304 -27.49 -5.40 6.40
N LEU A 305 -26.17 -5.40 6.12
CA LEU A 305 -25.12 -5.22 7.14
C LEU A 305 -25.08 -3.80 7.68
N ALA A 306 -25.42 -2.82 6.83
CA ALA A 306 -25.44 -1.40 7.20
C ALA A 306 -26.64 -1.17 8.10
N TYR A 307 -27.81 -1.70 7.68
CA TYR A 307 -29.06 -1.68 8.41
C TYR A 307 -28.83 -2.28 9.83
N ASP A 308 -28.22 -3.48 9.90
CA ASP A 308 -27.94 -4.15 11.15
C ASP A 308 -26.88 -3.47 12.02
N ALA A 309 -25.92 -2.74 11.41
CA ALA A 309 -24.88 -2.02 12.17
C ALA A 309 -25.51 -0.95 13.07
N ILE A 310 -26.53 -0.24 12.55
CA ILE A 310 -27.26 0.79 13.28
C ILE A 310 -27.98 0.18 14.49
N TRP A 311 -28.70 -0.95 14.26
CA TRP A 311 -29.41 -1.70 15.31
C TRP A 311 -28.46 -2.17 16.38
N ALA A 312 -27.30 -2.71 15.98
CA ALA A 312 -26.26 -3.19 16.90
C ALA A 312 -25.77 -2.06 17.80
N LEU A 313 -25.57 -0.87 17.21
CA LEU A 313 -25.11 0.31 17.94
C LEU A 313 -26.21 0.79 18.90
N ALA A 314 -27.45 0.92 18.39
CA ALA A 314 -28.62 1.37 19.15
C ALA A 314 -28.83 0.52 20.42
N LEU A 315 -28.76 -0.82 20.28
CA LEU A 315 -28.92 -1.75 21.39
C LEU A 315 -27.75 -1.66 22.37
N ALA A 316 -26.52 -1.47 21.87
CA ALA A 316 -25.33 -1.31 22.72
C ALA A 316 -25.39 0.00 23.49
N LEU A 317 -25.95 1.08 22.88
CA LEU A 317 -26.08 2.38 23.55
C LEU A 317 -27.14 2.29 24.65
N ASN A 318 -28.22 1.54 24.40
CA ASN A 318 -29.31 1.31 25.35
C ASN A 318 -28.79 0.67 26.66
N LYS A 319 -28.00 -0.40 26.52
CA LYS A 319 -27.40 -1.15 27.62
C LYS A 319 -26.42 -0.31 28.42
N THR A 320 -25.57 0.48 27.73
CA THR A 320 -24.58 1.35 28.36
C THR A 320 -25.21 2.52 29.06
N SER A 321 -26.39 2.98 28.54
CA SER A 321 -27.10 4.19 28.94
C SER A 321 -26.63 4.93 30.19
N ARG A 330 -25.54 8.33 30.34
CA ARG A 330 -24.47 9.31 30.46
C ARG A 330 -23.85 9.67 29.10
N LEU A 331 -24.55 9.34 27.98
CA LEU A 331 -24.09 9.55 26.59
C LEU A 331 -23.67 10.98 26.20
N GLU A 332 -24.35 12.00 26.77
CA GLU A 332 -24.06 13.43 26.54
C GLU A 332 -22.65 13.79 27.06
N ASP A 333 -22.12 13.00 28.00
CA ASP A 333 -20.83 13.24 28.64
C ASP A 333 -19.61 12.61 27.96
N PHE A 334 -19.81 11.96 26.78
CA PHE A 334 -18.71 11.35 26.03
C PHE A 334 -17.69 12.40 25.57
N ASN A 335 -16.40 12.11 25.79
CA ASN A 335 -15.25 12.94 25.43
C ASN A 335 -14.19 12.04 24.82
N TYR A 336 -13.30 12.61 23.97
CA TYR A 336 -12.23 11.88 23.31
C TYR A 336 -11.02 11.58 24.22
N ASN A 337 -10.98 12.18 25.41
CA ASN A 337 -9.85 11.97 26.34
C ASN A 337 -10.18 10.98 27.44
N ASN A 338 -11.43 10.48 27.44
CA ASN A 338 -11.93 9.57 28.45
C ASN A 338 -12.22 8.17 27.92
N GLN A 339 -11.62 7.17 28.57
CA GLN A 339 -11.71 5.74 28.28
C GLN A 339 -12.97 5.10 28.84
N THR A 340 -13.47 5.63 29.99
CA THR A 340 -14.63 5.14 30.73
C THR A 340 -15.81 4.73 29.85
N ILE A 341 -16.42 5.71 29.15
CA ILE A 341 -17.58 5.45 28.28
C ILE A 341 -17.24 4.50 27.12
N THR A 342 -16.02 4.61 26.58
CA THR A 342 -15.52 3.76 25.50
C THR A 342 -15.55 2.29 25.94
N ASP A 343 -14.98 1.98 27.11
CA ASP A 343 -14.93 0.65 27.70
C ASP A 343 -16.31 0.02 27.92
N GLN A 344 -17.29 0.81 28.40
CA GLN A 344 -18.68 0.38 28.63
C GLN A 344 -19.35 0.02 27.28
N ILE A 345 -19.25 0.94 26.26
CA ILE A 345 -19.81 0.69 24.91
C ILE A 345 -19.17 -0.53 24.25
N TYR A 346 -17.85 -0.68 24.44
CA TYR A 346 -17.09 -1.81 23.91
C TYR A 346 -17.68 -3.12 24.43
N ARG A 347 -17.89 -3.19 25.76
CA ARG A 347 -18.43 -4.34 26.46
C ARG A 347 -19.84 -4.71 26.02
N ALA A 348 -20.69 -3.69 25.76
CA ALA A 348 -22.06 -3.90 25.29
C ALA A 348 -22.07 -4.47 23.87
N MET A 349 -21.21 -3.89 22.99
CA MET A 349 -21.01 -4.33 21.61
C MET A 349 -20.50 -5.78 21.60
N ASN A 350 -19.48 -6.07 22.43
CA ASN A 350 -18.87 -7.39 22.61
C ASN A 350 -19.91 -8.46 22.96
N SER A 351 -20.92 -8.09 23.77
CA SER A 351 -21.98 -9.00 24.21
C SER A 351 -23.26 -8.89 23.36
N SER A 352 -23.20 -8.17 22.20
CA SER A 352 -24.35 -8.05 21.31
C SER A 352 -24.80 -9.44 20.85
N SER A 353 -26.12 -9.65 20.81
CA SER A 353 -26.73 -10.91 20.38
C SER A 353 -28.19 -10.62 20.07
N PHE A 354 -28.50 -10.41 18.80
CA PHE A 354 -29.86 -10.13 18.33
C PHE A 354 -30.06 -10.65 16.92
N GLU A 355 -31.32 -10.65 16.45
CA GLU A 355 -31.69 -11.11 15.11
C GLU A 355 -31.91 -9.92 14.19
N GLY A 356 -31.06 -9.79 13.17
CA GLY A 356 -31.14 -8.70 12.19
C GLY A 356 -31.59 -9.18 10.82
N VAL A 357 -31.62 -8.28 9.82
CA VAL A 357 -32.00 -8.67 8.45
C VAL A 357 -30.93 -9.61 7.81
N SER A 358 -29.69 -9.56 8.34
CA SER A 358 -28.54 -10.35 7.90
C SER A 358 -28.40 -11.66 8.72
N GLY A 359 -29.37 -11.91 9.59
CA GLY A 359 -29.39 -13.08 10.47
C GLY A 359 -28.99 -12.72 11.90
N HIS A 360 -28.42 -13.70 12.61
CA HIS A 360 -27.98 -13.55 14.00
C HIS A 360 -26.72 -12.68 14.08
N VAL A 361 -26.85 -11.49 14.65
CA VAL A 361 -25.74 -10.53 14.78
C VAL A 361 -25.00 -10.68 16.14
N VAL A 362 -23.68 -10.97 16.08
CA VAL A 362 -22.75 -11.10 17.23
C VAL A 362 -21.37 -10.52 16.83
N PHE A 363 -20.49 -10.19 17.82
CA PHE A 363 -19.17 -9.61 17.49
C PHE A 363 -17.89 -10.25 18.07
N ASP A 364 -17.45 -11.34 17.43
CA ASP A 364 -16.27 -12.18 17.70
C ASP A 364 -15.05 -11.62 16.93
N ALA A 365 -13.83 -11.87 17.42
CA ALA A 365 -12.60 -11.40 16.75
C ALA A 365 -12.36 -11.84 15.29
N SER A 366 -12.40 -13.16 14.96
CA SER A 366 -12.10 -13.64 13.60
C SER A 366 -13.19 -13.57 12.47
N GLY A 367 -14.34 -12.95 12.78
CA GLY A 367 -15.48 -12.62 11.90
C GLY A 367 -16.12 -13.70 11.06
N SER A 368 -16.71 -14.70 11.77
CA SER A 368 -17.33 -15.89 11.19
C SER A 368 -18.79 -16.18 11.60
N ARG A 369 -19.64 -15.15 11.77
CA ARG A 369 -21.05 -15.42 12.16
C ARG A 369 -21.94 -15.92 11.02
N MET A 370 -21.50 -15.68 9.80
CA MET A 370 -22.17 -16.12 8.57
C MET A 370 -21.69 -17.55 8.26
N ALA A 371 -22.61 -18.43 7.88
CA ALA A 371 -22.18 -19.81 7.56
C ALA A 371 -22.09 -20.10 6.07
N TRP A 372 -22.80 -19.32 5.21
CA TRP A 372 -22.86 -19.63 3.78
C TRP A 372 -22.19 -18.71 2.79
N THR A 373 -21.67 -19.32 1.72
CA THR A 373 -21.13 -18.61 0.58
C THR A 373 -22.02 -19.00 -0.60
N LEU A 374 -22.14 -18.10 -1.58
CA LEU A 374 -22.85 -18.33 -2.82
C LEU A 374 -21.78 -18.42 -3.94
N ILE A 375 -21.87 -19.46 -4.77
CA ILE A 375 -20.94 -19.70 -5.87
C ILE A 375 -21.67 -19.47 -7.17
N GLU A 376 -21.06 -18.66 -8.05
CA GLU A 376 -21.64 -18.36 -9.36
C GLU A 376 -20.63 -18.59 -10.46
N GLN A 377 -21.13 -18.74 -11.71
CA GLN A 377 -20.31 -18.87 -12.90
C GLN A 377 -20.86 -17.92 -13.95
N LEU A 378 -19.96 -17.23 -14.67
CA LEU A 378 -20.39 -16.35 -15.75
C LEU A 378 -20.61 -17.17 -17.00
N GLN A 379 -21.87 -17.26 -17.45
CA GLN A 379 -22.23 -18.05 -18.64
C GLN A 379 -22.96 -17.16 -19.63
N GLY A 380 -22.38 -17.03 -20.82
CA GLY A 380 -22.92 -16.19 -21.89
C GLY A 380 -23.15 -14.75 -21.48
N GLY A 381 -22.19 -14.20 -20.75
CA GLY A 381 -22.23 -12.82 -20.27
C GLY A 381 -23.08 -12.55 -19.05
N SER A 382 -23.71 -13.58 -18.46
CA SER A 382 -24.58 -13.45 -17.29
C SER A 382 -24.21 -14.43 -16.17
N TYR A 383 -24.26 -13.97 -14.91
CA TYR A 383 -23.97 -14.82 -13.76
C TYR A 383 -25.09 -15.80 -13.47
N LYS A 384 -24.74 -17.06 -13.24
CA LYS A 384 -25.66 -18.13 -12.91
C LYS A 384 -25.21 -18.73 -11.59
N LYS A 385 -26.14 -18.92 -10.65
CA LYS A 385 -25.88 -19.59 -9.37
C LYS A 385 -25.56 -21.04 -9.68
N ILE A 386 -24.44 -21.54 -9.14
CA ILE A 386 -24.02 -22.93 -9.35
C ILE A 386 -24.01 -23.74 -8.07
N GLY A 387 -24.05 -23.06 -6.92
CA GLY A 387 -24.05 -23.71 -5.62
C GLY A 387 -23.85 -22.81 -4.43
N TYR A 388 -23.89 -23.41 -3.24
CA TYR A 388 -23.69 -22.77 -1.94
C TYR A 388 -22.80 -23.65 -1.09
N TYR A 389 -21.94 -23.05 -0.24
CA TYR A 389 -21.11 -23.85 0.66
C TYR A 389 -21.17 -23.37 2.10
N ASP A 390 -21.39 -24.31 3.01
CA ASP A 390 -21.37 -24.07 4.44
C ASP A 390 -20.12 -24.78 5.01
N SER A 391 -19.07 -24.01 5.36
CA SER A 391 -17.86 -24.62 5.91
C SER A 391 -18.04 -25.22 7.31
N THR A 392 -18.97 -24.69 8.12
CA THR A 392 -19.19 -25.18 9.51
C THR A 392 -19.65 -26.64 9.53
N LYS A 393 -20.65 -26.98 8.72
CA LYS A 393 -21.22 -28.32 8.63
C LYS A 393 -20.64 -29.12 7.44
N ASP A 394 -19.78 -28.48 6.61
CA ASP A 394 -19.20 -29.06 5.38
C ASP A 394 -20.29 -29.52 4.42
N ASP A 395 -21.11 -28.58 3.98
CA ASP A 395 -22.22 -28.88 3.08
C ASP A 395 -22.12 -28.06 1.81
N LEU A 396 -21.81 -28.73 0.71
CA LEU A 396 -21.78 -28.12 -0.61
C LEU A 396 -23.09 -28.46 -1.31
N SER A 397 -23.98 -27.45 -1.43
CA SER A 397 -25.26 -27.60 -2.12
C SER A 397 -24.98 -27.29 -3.58
N TRP A 398 -25.11 -28.30 -4.46
CA TRP A 398 -24.75 -28.16 -5.87
C TRP A 398 -25.96 -28.23 -6.80
N SER A 399 -26.15 -27.18 -7.63
CA SER A 399 -27.28 -27.01 -8.56
C SER A 399 -27.16 -27.84 -9.84
N LYS A 400 -25.93 -28.28 -10.21
CA LYS A 400 -25.60 -28.99 -11.45
C LYS A 400 -25.88 -28.06 -12.66
N THR A 401 -25.62 -26.75 -12.46
CA THR A 401 -25.87 -25.71 -13.48
C THR A 401 -24.57 -25.18 -14.11
N ASP A 402 -23.39 -25.66 -13.66
CA ASP A 402 -22.09 -25.23 -14.19
C ASP A 402 -21.85 -25.80 -15.60
N LYS A 403 -21.19 -25.02 -16.46
CA LYS A 403 -20.91 -25.38 -17.85
C LYS A 403 -19.45 -25.21 -18.17
N TRP A 404 -18.89 -26.17 -18.94
CA TRP A 404 -17.47 -26.22 -19.30
C TRP A 404 -17.29 -26.66 -20.76
N ILE A 405 -16.30 -26.09 -21.47
CA ILE A 405 -15.98 -26.44 -22.86
C ILE A 405 -15.58 -27.92 -22.88
N GLY A 406 -16.31 -28.72 -23.64
CA GLY A 406 -16.10 -30.16 -23.74
C GLY A 406 -16.86 -30.94 -22.69
N GLY A 407 -17.64 -30.23 -21.87
CA GLY A 407 -18.48 -30.82 -20.83
C GLY A 407 -17.88 -31.05 -19.46
N SER A 408 -16.56 -30.82 -19.28
CA SER A 408 -15.89 -31.02 -17.99
C SER A 408 -14.80 -29.96 -17.72
N PRO A 409 -14.49 -29.61 -16.44
CA PRO A 409 -13.44 -28.62 -16.19
C PRO A 409 -12.06 -29.05 -16.67
N PRO A 410 -11.12 -28.09 -16.93
CA PRO A 410 -9.78 -28.46 -17.38
C PRO A 410 -8.89 -28.97 -16.24
N ALA A 411 -7.63 -29.33 -16.56
CA ALA A 411 -6.63 -29.77 -15.60
C ALA A 411 -5.87 -28.57 -15.00
N ASP A 412 -5.10 -28.80 -13.93
CA ASP A 412 -4.31 -27.75 -13.28
C ASP A 412 -2.94 -27.58 -13.95
N ASP A 413 -2.58 -28.50 -14.88
CA ASP A 413 -1.30 -28.58 -15.59
C ASP A 413 -1.33 -29.72 -16.60
N TYR A 414 -0.29 -29.82 -17.47
CA TYR A 414 -0.10 -30.98 -18.33
C TYR A 414 0.33 -32.13 -17.40
N LYS A 415 -0.02 -33.37 -17.74
CA LYS A 415 0.30 -34.55 -16.92
C LYS A 415 1.03 -35.63 -17.73
N ASP A 416 1.18 -35.39 -19.04
CA ASP A 416 1.71 -36.34 -20.02
C ASP A 416 3.22 -36.38 -20.31
N ASP A 417 4.01 -35.51 -19.70
CA ASP A 417 5.45 -35.56 -19.95
C ASP A 417 6.02 -36.62 -19.00
N ASP A 418 6.12 -37.88 -19.49
CA ASP A 418 6.63 -39.04 -18.75
C ASP A 418 8.03 -38.79 -18.20
N PRO B 9 15.25 39.47 12.98
CA PRO B 9 14.50 40.71 13.20
C PRO B 9 13.03 40.50 13.60
N PRO B 10 12.47 41.38 14.47
CA PRO B 10 11.04 41.26 14.84
C PRO B 10 10.07 41.49 13.68
N SER B 11 10.52 42.26 12.66
CA SER B 11 9.81 42.64 11.44
C SER B 11 10.01 41.59 10.31
N SER B 12 10.82 40.54 10.57
CA SER B 12 11.10 39.47 9.62
C SER B 12 9.98 38.39 9.68
N PRO B 13 9.12 38.27 8.65
CA PRO B 13 8.02 37.30 8.74
C PRO B 13 8.42 35.85 8.53
N PRO B 14 7.76 34.91 9.24
CA PRO B 14 8.09 33.49 9.06
C PRO B 14 7.48 32.84 7.83
N LEU B 15 8.19 31.87 7.26
CA LEU B 15 7.68 31.00 6.19
C LEU B 15 7.69 29.65 6.89
N SER B 16 6.52 29.27 7.43
CA SER B 16 6.38 28.06 8.24
C SER B 16 6.35 26.76 7.47
N ILE B 17 7.13 25.78 7.95
CA ILE B 17 7.25 24.45 7.38
C ILE B 17 6.89 23.40 8.44
N MET B 18 6.06 22.41 8.07
CA MET B 18 5.65 21.33 8.96
C MET B 18 6.65 20.17 8.87
N GLY B 19 7.55 20.09 9.84
CA GLY B 19 8.54 19.02 9.93
C GLY B 19 7.91 17.83 10.63
N LEU B 20 7.81 16.70 9.91
CA LEU B 20 7.25 15.43 10.39
C LEU B 20 8.30 14.34 10.30
N MET B 21 8.69 13.80 11.45
CA MET B 21 9.70 12.74 11.53
C MET B 21 9.73 12.05 12.89
N PRO B 22 10.28 10.83 13.01
CA PRO B 22 10.38 10.20 14.34
C PRO B 22 11.55 10.84 15.11
N LEU B 23 11.31 11.25 16.36
CA LEU B 23 12.32 11.92 17.18
C LEU B 23 12.59 11.26 18.53
N THR B 24 11.52 10.77 19.20
CA THR B 24 11.56 10.12 20.51
C THR B 24 12.61 9.02 20.66
N LYS B 25 13.22 8.93 21.86
CA LYS B 25 14.20 7.91 22.21
C LYS B 25 13.52 6.55 22.43
N GLU B 26 12.19 6.59 22.60
CA GLU B 26 11.34 5.43 22.81
C GLU B 26 11.19 4.53 21.59
N VAL B 27 11.35 5.09 20.38
CA VAL B 27 11.27 4.34 19.13
C VAL B 27 12.65 4.24 18.50
N ALA B 28 12.93 3.07 17.89
CA ALA B 28 14.21 2.78 17.24
C ALA B 28 14.53 3.78 16.12
N LYS B 29 13.51 4.14 15.32
CA LYS B 29 13.69 5.06 14.20
C LYS B 29 13.80 6.55 14.56
N GLY B 30 13.67 6.86 15.86
CA GLY B 30 13.86 8.20 16.41
C GLY B 30 15.28 8.68 16.17
N SER B 31 16.24 7.72 16.06
CA SER B 31 17.64 7.96 15.77
C SER B 31 17.82 8.63 14.39
N ILE B 32 16.94 8.29 13.39
CA ILE B 32 16.99 8.90 12.07
C ILE B 32 16.67 10.40 12.18
N GLY B 33 15.52 10.73 12.77
CA GLY B 33 15.09 12.11 12.98
C GLY B 33 16.14 12.91 13.72
N ARG B 34 16.59 12.39 14.87
CA ARG B 34 17.63 13.02 15.68
C ARG B 34 18.96 13.14 14.94
N GLY B 35 19.27 12.17 14.08
CA GLY B 35 20.50 12.09 13.30
C GLY B 35 20.60 13.08 12.16
N VAL B 36 19.45 13.46 11.56
CA VAL B 36 19.38 14.41 10.45
C VAL B 36 19.27 15.85 10.93
N LEU B 37 18.77 16.08 12.16
CA LEU B 37 18.60 17.42 12.71
C LEU B 37 19.86 18.30 12.68
N PRO B 38 21.10 17.78 12.96
CA PRO B 38 22.29 18.61 12.79
C PRO B 38 22.49 19.09 11.34
N ALA B 39 22.16 18.23 10.33
CA ALA B 39 22.23 18.55 8.90
C ALA B 39 21.24 19.66 8.55
N VAL B 40 19.99 19.55 9.07
CA VAL B 40 18.90 20.49 8.91
C VAL B 40 19.33 21.86 9.50
N GLU B 41 19.88 21.84 10.73
CA GLU B 41 20.38 23.02 11.45
C GLU B 41 21.45 23.76 10.67
N LEU B 42 22.41 23.03 10.05
CA LEU B 42 23.48 23.62 9.23
C LEU B 42 22.93 24.32 8.00
N ALA B 43 21.95 23.71 7.31
CA ALA B 43 21.33 24.29 6.13
C ALA B 43 20.58 25.57 6.49
N ILE B 44 19.73 25.52 7.55
CA ILE B 44 18.94 26.65 8.05
C ILE B 44 19.87 27.82 8.45
N GLU B 45 20.94 27.49 9.20
CA GLU B 45 21.98 28.43 9.67
C GLU B 45 22.55 29.25 8.53
N GLN B 46 22.99 28.57 7.46
CA GLN B 46 23.58 29.23 6.30
C GLN B 46 22.57 29.99 5.46
N ILE B 47 21.35 29.45 5.26
CA ILE B 47 20.31 30.14 4.50
C ILE B 47 19.95 31.49 5.17
N ARG B 48 19.88 31.51 6.51
CA ARG B 48 19.58 32.72 7.28
C ARG B 48 20.72 33.72 7.25
N ASN B 49 21.97 33.26 7.44
CA ASN B 49 23.19 34.08 7.42
C ASN B 49 23.34 34.79 6.07
N GLU B 50 22.86 34.14 5.00
CA GLU B 50 22.87 34.60 3.62
C GLU B 50 21.66 35.46 3.31
N SER B 51 20.63 35.42 4.20
CA SER B 51 19.34 36.11 4.05
C SER B 51 18.82 35.89 2.62
N LEU B 52 18.82 34.62 2.19
CA LEU B 52 18.39 34.19 0.87
C LEU B 52 16.89 34.46 0.68
N LEU B 53 16.14 34.36 1.78
CA LEU B 53 14.69 34.54 1.79
C LEU B 53 14.25 35.92 2.26
N ARG B 54 15.19 36.85 2.50
CA ARG B 54 14.93 38.23 2.93
C ARG B 54 13.68 38.87 2.25
N PRO B 55 12.81 39.58 3.02
CA PRO B 55 12.85 39.86 4.47
C PRO B 55 12.34 38.71 5.36
N TYR B 56 11.97 37.57 4.75
CA TYR B 56 11.43 36.41 5.46
C TYR B 56 12.52 35.52 6.06
N PHE B 57 12.09 34.55 6.86
CA PHE B 57 12.95 33.51 7.41
C PHE B 57 12.21 32.18 7.36
N LEU B 58 12.96 31.11 7.20
CA LEU B 58 12.42 29.76 7.14
C LEU B 58 12.09 29.28 8.56
N ASP B 59 10.81 29.08 8.87
CA ASP B 59 10.35 28.67 10.19
C ASP B 59 9.98 27.17 10.22
N LEU B 60 10.97 26.31 10.43
CA LEU B 60 10.69 24.89 10.49
C LEU B 60 10.16 24.46 11.87
N ARG B 61 8.91 23.97 11.93
CA ARG B 61 8.32 23.47 13.19
C ARG B 61 8.44 21.94 13.18
N LEU B 62 8.82 21.32 14.32
CA LEU B 62 9.00 19.87 14.39
C LEU B 62 7.88 19.16 15.12
N TYR B 63 7.38 18.08 14.52
CA TYR B 63 6.29 17.28 15.09
C TYR B 63 6.71 15.82 15.04
N ASP B 64 6.63 15.13 16.20
CA ASP B 64 7.06 13.74 16.31
C ASP B 64 6.00 12.78 15.82
N THR B 65 6.35 12.00 14.78
CA THR B 65 5.44 10.99 14.22
C THR B 65 5.55 9.72 15.06
N GLU B 66 6.70 9.54 15.76
CA GLU B 66 7.03 8.36 16.59
C GLU B 66 7.03 7.08 15.74
N CYS B 67 7.18 7.25 14.39
CA CYS B 67 7.17 6.17 13.42
C CYS B 67 5.90 5.29 13.60
N ASP B 68 4.77 5.93 13.91
CA ASP B 68 3.52 5.25 14.20
C ASP B 68 2.37 5.86 13.41
N ASN B 69 1.56 5.04 12.72
CA ASN B 69 0.43 5.51 11.91
C ASN B 69 -0.52 6.42 12.70
N ALA B 70 -0.99 5.96 13.89
CA ALA B 70 -1.93 6.73 14.71
C ALA B 70 -1.30 8.01 15.26
N LYS B 71 -0.08 7.93 15.80
CA LYS B 71 0.61 9.10 16.34
C LYS B 71 1.04 10.09 15.27
N GLY B 72 1.43 9.59 14.10
CA GLY B 72 1.82 10.40 12.96
C GLY B 72 0.65 11.19 12.41
N LEU B 73 -0.51 10.52 12.25
CA LEU B 73 -1.74 11.17 11.78
C LEU B 73 -2.22 12.25 12.75
N LYS B 74 -2.18 11.97 14.07
CA LYS B 74 -2.59 12.95 15.07
C LYS B 74 -1.61 14.11 15.14
N ALA B 75 -0.28 13.83 14.97
CA ALA B 75 0.75 14.88 14.97
C ALA B 75 0.47 15.84 13.82
N PHE B 76 0.12 15.31 12.63
CA PHE B 76 -0.27 16.08 11.44
C PHE B 76 -1.54 16.91 11.71
N TYR B 77 -2.61 16.25 12.21
CA TYR B 77 -3.88 16.91 12.51
C TYR B 77 -3.67 18.04 13.54
N ASP B 78 -2.87 17.78 14.60
CA ASP B 78 -2.60 18.76 15.65
C ASP B 78 -1.76 19.92 15.12
N ALA B 79 -0.83 19.65 14.15
CA ALA B 79 -0.01 20.69 13.51
C ALA B 79 -0.95 21.64 12.73
N ILE B 80 -1.99 21.10 12.04
CA ILE B 80 -2.99 21.87 11.27
C ILE B 80 -3.87 22.69 12.22
N LYS B 81 -4.41 22.03 13.25
CA LYS B 81 -5.31 22.67 14.18
C LYS B 81 -4.66 23.76 15.03
N TYR B 82 -3.51 23.45 15.64
CA TYR B 82 -2.83 24.30 16.62
C TYR B 82 -1.52 24.98 16.21
N GLY B 83 -0.89 24.53 15.14
CA GLY B 83 0.37 25.14 14.72
C GLY B 83 0.18 26.37 13.85
N PRO B 84 1.30 27.01 13.41
CA PRO B 84 1.18 28.17 12.50
C PRO B 84 0.71 27.74 11.09
N ASN B 85 0.50 28.69 10.17
CA ASN B 85 0.03 28.37 8.82
C ASN B 85 1.17 27.81 7.92
N HIS B 86 1.42 26.50 8.02
CA HIS B 86 2.47 25.82 7.26
C HIS B 86 2.22 25.90 5.78
N LEU B 87 3.30 26.15 5.01
CA LEU B 87 3.26 26.29 3.56
C LEU B 87 3.57 25.01 2.86
N MET B 88 4.30 24.12 3.54
CA MET B 88 4.68 22.82 3.04
C MET B 88 5.09 21.86 4.13
N VAL B 89 5.16 20.55 3.78
CA VAL B 89 5.54 19.48 4.71
C VAL B 89 6.98 19.06 4.39
N PHE B 90 7.81 18.94 5.41
CA PHE B 90 9.18 18.47 5.27
C PHE B 90 9.31 17.21 6.12
N GLY B 91 9.55 16.08 5.47
CA GLY B 91 9.71 14.85 6.19
C GLY B 91 8.91 13.67 5.70
N GLY B 92 8.68 12.76 6.63
CA GLY B 92 8.07 11.46 6.38
C GLY B 92 9.23 10.51 6.21
N VAL B 93 9.47 9.65 7.20
CA VAL B 93 10.60 8.73 7.19
C VAL B 93 10.07 7.29 7.07
N CYS B 94 9.16 6.91 7.97
CA CYS B 94 8.57 5.59 7.97
C CYS B 94 7.55 5.48 6.85
N PRO B 95 7.74 4.48 5.96
CA PRO B 95 6.87 4.38 4.76
C PRO B 95 5.36 4.43 4.97
N SER B 96 4.84 3.69 5.97
CA SER B 96 3.39 3.70 6.24
C SER B 96 2.91 5.09 6.68
N VAL B 97 3.67 5.78 7.56
CA VAL B 97 3.34 7.14 8.01
C VAL B 97 3.40 8.11 6.82
N THR B 98 4.52 8.04 6.04
CA THR B 98 4.71 8.89 4.86
C THR B 98 3.55 8.76 3.89
N SER B 99 3.09 7.53 3.63
CA SER B 99 1.97 7.26 2.72
C SER B 99 0.67 7.93 3.20
N ILE B 100 0.33 7.79 4.50
CA ILE B 100 -0.89 8.38 5.09
C ILE B 100 -0.87 9.91 4.88
N ILE B 101 0.25 10.56 5.18
CA ILE B 101 0.40 12.01 4.99
C ILE B 101 0.36 12.36 3.50
N ALA B 102 1.26 11.75 2.71
CA ALA B 102 1.40 12.02 1.28
C ALA B 102 0.13 11.91 0.43
N GLU B 103 -0.75 10.92 0.71
CA GLU B 103 -2.00 10.75 -0.06
C GLU B 103 -3.07 11.81 0.25
N SER B 104 -2.93 12.46 1.41
CA SER B 104 -3.90 13.41 1.91
C SER B 104 -3.59 14.87 1.63
N LEU B 105 -2.34 15.16 1.18
CA LEU B 105 -1.81 16.50 0.91
C LEU B 105 -2.75 17.50 0.25
N GLN B 106 -3.43 17.07 -0.82
CA GLN B 106 -4.37 17.92 -1.59
C GLN B 106 -5.50 18.53 -0.77
N GLY B 107 -5.94 17.83 0.28
CA GLY B 107 -6.98 18.30 1.19
C GLY B 107 -6.62 19.59 1.89
N TRP B 108 -5.30 19.87 2.03
CA TRP B 108 -4.76 21.06 2.68
C TRP B 108 -3.82 21.85 1.77
N ASN B 109 -3.81 21.56 0.46
CA ASN B 109 -2.99 22.25 -0.54
C ASN B 109 -1.51 22.35 -0.12
N LEU B 110 -0.97 21.26 0.45
CA LEU B 110 0.39 21.19 0.96
C LEU B 110 1.31 20.36 0.10
N VAL B 111 2.44 20.95 -0.30
CA VAL B 111 3.46 20.22 -1.04
C VAL B 111 4.33 19.55 0.02
N GLN B 112 4.70 18.26 -0.18
CA GLN B 112 5.57 17.56 0.75
C GLN B 112 6.89 17.19 0.14
N LEU B 113 7.97 17.34 0.91
CA LEU B 113 9.32 16.92 0.52
C LEU B 113 9.86 15.93 1.56
N SER B 114 10.12 14.67 1.15
CA SER B 114 10.70 13.65 2.04
C SER B 114 12.18 13.51 1.75
N PHE B 115 12.98 13.22 2.77
CA PHE B 115 14.40 13.01 2.58
C PHE B 115 14.80 11.56 2.88
N ALA B 116 13.81 10.71 3.29
CA ALA B 116 14.07 9.33 3.71
C ALA B 116 13.13 8.20 3.22
N ALA B 117 11.90 8.52 2.75
CA ALA B 117 10.98 7.47 2.28
C ALA B 117 11.34 7.02 0.87
N THR B 118 11.75 5.75 0.72
CA THR B 118 12.24 5.19 -0.55
C THR B 118 11.30 4.20 -1.24
N THR B 119 10.19 3.81 -0.59
CA THR B 119 9.26 2.83 -1.16
C THR B 119 8.72 3.26 -2.55
N PRO B 120 8.57 2.31 -3.49
CA PRO B 120 8.22 2.69 -4.86
C PRO B 120 6.85 3.28 -5.15
N VAL B 121 5.81 2.87 -4.41
CA VAL B 121 4.44 3.31 -4.67
C VAL B 121 4.23 4.83 -4.54
N LEU B 122 5.09 5.50 -3.75
CA LEU B 122 5.05 6.94 -3.60
C LEU B 122 5.34 7.69 -4.92
N ALA B 123 5.84 6.97 -5.95
CA ALA B 123 6.07 7.54 -7.28
C ALA B 123 4.74 7.70 -8.05
N ASP B 124 3.65 7.04 -7.59
CA ASP B 124 2.34 7.15 -8.23
C ASP B 124 1.80 8.59 -8.12
N LYS B 125 1.82 9.33 -9.24
CA LYS B 125 1.34 10.71 -9.24
C LYS B 125 -0.17 10.91 -9.22
N LYS B 126 -0.92 9.85 -9.49
CA LYS B 126 -2.38 9.91 -9.38
C LYS B 126 -2.74 9.87 -7.89
N LYS B 127 -2.05 9.01 -7.09
CA LYS B 127 -2.28 8.87 -5.64
C LYS B 127 -1.55 9.95 -4.82
N TYR B 128 -0.29 10.28 -5.18
CA TYR B 128 0.53 11.23 -4.40
C TYR B 128 0.98 12.42 -5.29
N PRO B 129 0.05 13.21 -5.89
CA PRO B 129 0.48 14.31 -6.77
C PRO B 129 1.34 15.40 -6.16
N TYR B 130 1.16 15.70 -4.86
CA TYR B 130 1.86 16.77 -4.17
C TYR B 130 3.12 16.32 -3.45
N PHE B 131 3.51 15.05 -3.66
CA PHE B 131 4.67 14.45 -3.02
C PHE B 131 5.95 14.48 -3.85
N PHE B 132 7.05 14.96 -3.21
CA PHE B 132 8.41 15.02 -3.76
C PHE B 132 9.37 14.35 -2.78
N ARG B 133 10.49 13.83 -3.29
CA ARG B 133 11.53 13.26 -2.42
C ARG B 133 12.94 13.51 -2.97
N THR B 134 13.88 13.92 -2.10
CA THR B 134 15.28 14.15 -2.49
C THR B 134 16.04 12.83 -2.56
N VAL B 135 15.54 11.78 -1.90
CA VAL B 135 16.22 10.49 -1.90
C VAL B 135 15.81 9.61 -3.10
N PRO B 136 16.78 9.01 -3.85
CA PRO B 136 16.38 8.08 -4.93
C PRO B 136 15.54 6.92 -4.35
N SER B 137 14.44 6.59 -5.02
CA SER B 137 13.54 5.54 -4.55
C SER B 137 14.07 4.12 -4.84
N ASP B 138 13.37 3.10 -4.35
CA ASP B 138 13.74 1.69 -4.58
C ASP B 138 13.79 1.32 -6.07
N ASN B 139 12.91 1.91 -6.91
CA ASN B 139 12.88 1.68 -8.36
C ASN B 139 14.12 2.24 -9.09
N ALA B 140 14.79 3.25 -8.48
CA ALA B 140 15.96 3.90 -9.08
C ALA B 140 17.14 2.94 -9.31
N VAL B 141 17.11 1.74 -8.69
CA VAL B 141 18.15 0.72 -8.87
C VAL B 141 18.07 0.07 -10.26
N ASN B 142 16.85 0.00 -10.86
CA ASN B 142 16.62 -0.64 -12.17
C ASN B 142 17.41 -0.06 -13.34
N PRO B 143 17.40 1.28 -13.60
CA PRO B 143 18.25 1.84 -14.67
C PRO B 143 19.75 1.61 -14.40
N ALA B 144 20.16 1.57 -13.11
CA ALA B 144 21.55 1.30 -12.71
C ALA B 144 21.95 -0.13 -13.04
N ILE B 145 21.08 -1.12 -12.67
CA ILE B 145 21.29 -2.55 -12.93
C ILE B 145 21.41 -2.78 -14.45
N LEU B 146 20.55 -2.10 -15.25
CA LEU B 146 20.61 -2.19 -16.71
C LEU B 146 22.03 -1.86 -17.21
N LYS B 147 22.62 -0.75 -16.72
CA LYS B 147 23.98 -0.35 -17.09
C LYS B 147 25.04 -1.35 -16.62
N LEU B 148 24.82 -1.98 -15.46
CA LEU B 148 25.71 -3.00 -14.93
C LEU B 148 25.64 -4.25 -15.82
N LEU B 149 24.41 -4.65 -16.23
CA LEU B 149 24.22 -5.80 -17.11
C LEU B 149 24.91 -5.57 -18.45
N LYS B 150 24.77 -4.36 -19.03
CA LYS B 150 25.41 -4.01 -20.31
C LYS B 150 26.93 -4.05 -20.19
N HIS B 151 27.47 -3.55 -19.06
CA HIS B 151 28.90 -3.52 -18.74
C HIS B 151 29.54 -4.91 -18.76
N TYR B 152 28.93 -5.89 -18.08
CA TYR B 152 29.47 -7.26 -18.03
C TYR B 152 28.90 -8.22 -19.08
N GLN B 153 28.13 -7.70 -20.05
CA GLN B 153 27.54 -8.44 -21.16
C GLN B 153 26.61 -9.58 -20.72
N TRP B 154 25.80 -9.29 -19.69
CA TRP B 154 24.81 -10.23 -19.17
C TRP B 154 23.51 -9.91 -19.89
N LYS B 155 23.08 -10.79 -20.80
CA LYS B 155 21.90 -10.58 -21.63
C LYS B 155 20.72 -11.43 -21.19
N ARG B 156 20.95 -12.38 -20.27
CA ARG B 156 19.94 -13.28 -19.76
C ARG B 156 19.95 -13.25 -18.23
N VAL B 157 18.80 -12.92 -17.62
CA VAL B 157 18.67 -12.85 -16.17
C VAL B 157 17.41 -13.58 -15.70
N GLY B 158 17.44 -13.98 -14.44
CA GLY B 158 16.30 -14.56 -13.74
C GLY B 158 15.91 -13.62 -12.63
N THR B 159 14.64 -13.64 -12.19
CA THR B 159 14.25 -12.75 -11.07
C THR B 159 13.69 -13.57 -9.93
N LEU B 160 13.98 -13.12 -8.70
CA LEU B 160 13.49 -13.71 -7.46
C LEU B 160 12.89 -12.58 -6.61
N THR B 161 11.57 -12.58 -6.45
CA THR B 161 10.85 -11.50 -5.77
C THR B 161 9.96 -12.00 -4.65
N GLN B 162 10.04 -11.33 -3.49
CA GLN B 162 9.15 -11.58 -2.36
C GLN B 162 7.82 -10.92 -2.73
N ASP B 163 6.72 -11.68 -2.64
CA ASP B 163 5.38 -11.24 -3.01
C ASP B 163 4.77 -10.25 -2.00
N VAL B 164 5.39 -9.07 -1.89
CA VAL B 164 5.07 -7.93 -1.03
C VAL B 164 5.19 -6.67 -1.90
N GLN B 165 4.24 -5.72 -1.76
CA GLN B 165 4.15 -4.49 -2.54
C GLN B 165 5.47 -3.82 -2.94
N ARG B 166 6.29 -3.45 -1.95
CA ARG B 166 7.56 -2.76 -2.20
C ARG B 166 8.53 -3.52 -3.11
N PHE B 167 8.45 -4.87 -3.11
CA PHE B 167 9.30 -5.71 -3.95
C PHE B 167 8.69 -6.00 -5.31
N SER B 168 7.40 -6.36 -5.35
CA SER B 168 6.69 -6.61 -6.61
C SER B 168 6.66 -5.35 -7.48
N GLU B 169 6.58 -4.16 -6.85
CA GLU B 169 6.60 -2.91 -7.62
C GLU B 169 7.96 -2.65 -8.29
N VAL B 170 9.06 -2.95 -7.59
CA VAL B 170 10.41 -2.82 -8.17
C VAL B 170 10.53 -3.82 -9.35
N ARG B 171 10.11 -5.09 -9.12
CA ARG B 171 10.13 -6.11 -10.17
C ARG B 171 9.27 -5.69 -11.38
N ASN B 172 8.04 -5.19 -11.16
CA ASN B 172 7.17 -4.75 -12.26
C ASN B 172 7.79 -3.59 -13.05
N ASP B 173 8.43 -2.65 -12.34
CA ASP B 173 9.14 -1.52 -12.93
C ASP B 173 10.28 -2.02 -13.83
N LEU B 174 10.96 -3.11 -13.42
CA LEU B 174 12.10 -3.66 -14.15
C LEU B 174 11.79 -3.99 -15.62
N THR B 175 10.64 -4.66 -15.89
CA THR B 175 10.20 -5.00 -17.24
C THR B 175 10.26 -3.79 -18.19
N GLY B 176 9.75 -2.65 -17.73
CA GLY B 176 9.72 -1.41 -18.48
C GLY B 176 11.08 -0.80 -18.74
N VAL B 177 12.02 -0.97 -17.78
CA VAL B 177 13.40 -0.46 -17.88
C VAL B 177 14.18 -1.28 -18.91
N LEU B 178 13.97 -2.60 -18.92
CA LEU B 178 14.64 -3.54 -19.82
C LEU B 178 14.05 -3.62 -21.23
N TYR B 179 12.87 -3.00 -21.46
CA TYR B 179 12.20 -3.02 -22.75
C TYR B 179 12.95 -2.20 -23.82
N GLY B 180 13.19 -2.84 -24.96
CA GLY B 180 13.94 -2.26 -26.07
C GLY B 180 15.44 -2.27 -25.83
N GLU B 181 15.85 -2.93 -24.73
CA GLU B 181 17.24 -3.03 -24.28
C GLU B 181 18.02 -4.29 -24.57
N ASP B 182 17.39 -5.33 -25.10
CA ASP B 182 18.09 -6.59 -25.44
C ASP B 182 18.63 -7.45 -24.26
N ILE B 183 17.83 -7.47 -23.19
CA ILE B 183 18.05 -8.28 -21.99
C ILE B 183 16.80 -9.13 -21.74
N GLU B 184 17.00 -10.43 -21.66
CA GLU B 184 15.91 -11.38 -21.46
C GLU B 184 15.75 -11.77 -19.99
N ILE B 185 14.50 -11.78 -19.51
CA ILE B 185 14.14 -12.29 -18.20
C ILE B 185 13.67 -13.69 -18.58
N SER B 186 14.57 -14.67 -18.50
CA SER B 186 14.28 -16.04 -18.88
C SER B 186 13.38 -16.77 -17.88
N ASP B 187 13.43 -16.37 -16.59
CA ASP B 187 12.66 -17.01 -15.53
C ASP B 187 12.29 -16.01 -14.45
N THR B 188 10.99 -15.90 -14.13
CA THR B 188 10.46 -15.02 -13.10
C THR B 188 9.94 -15.91 -11.99
N GLU B 189 10.52 -15.76 -10.78
CA GLU B 189 10.08 -16.54 -9.63
C GLU B 189 9.71 -15.64 -8.46
N SER B 190 8.66 -16.02 -7.74
CA SER B 190 8.15 -15.27 -6.60
C SER B 190 7.82 -16.19 -5.43
N PHE B 191 7.97 -15.69 -4.20
CA PHE B 191 7.72 -16.47 -2.98
C PHE B 191 7.09 -15.57 -1.94
N SER B 192 6.43 -16.18 -0.95
CA SER B 192 5.84 -15.41 0.15
C SER B 192 6.72 -15.57 1.39
N ASN B 193 6.82 -16.80 1.93
CA ASN B 193 7.61 -17.05 3.14
C ASN B 193 8.74 -18.06 2.95
N ASP B 194 8.74 -18.81 1.84
CA ASP B 194 9.79 -19.80 1.59
C ASP B 194 10.37 -19.75 0.17
N PRO B 195 11.58 -19.17 0.04
CA PRO B 195 12.20 -19.03 -1.28
C PRO B 195 12.75 -20.30 -1.90
N CYS B 196 12.97 -21.35 -1.07
CA CYS B 196 13.55 -22.61 -1.52
C CYS B 196 12.95 -23.24 -2.77
N THR B 197 11.61 -23.29 -2.85
CA THR B 197 10.91 -23.82 -4.04
C THR B 197 11.25 -22.97 -5.27
N SER B 198 11.23 -21.63 -5.12
CA SER B 198 11.57 -20.69 -6.19
C SER B 198 13.03 -20.76 -6.61
N VAL B 199 13.95 -20.94 -5.64
CA VAL B 199 15.40 -21.04 -5.90
C VAL B 199 15.67 -22.32 -6.72
N LYS B 200 15.03 -23.44 -6.34
CA LYS B 200 15.09 -24.73 -7.02
C LYS B 200 14.63 -24.56 -8.48
N LYS B 201 13.54 -23.79 -8.72
CA LYS B 201 13.02 -23.52 -10.06
C LYS B 201 14.00 -22.72 -10.91
N LEU B 202 14.68 -21.71 -10.31
CA LEU B 202 15.70 -20.90 -10.99
C LEU B 202 16.90 -21.76 -11.42
N LYS B 203 17.35 -22.68 -10.53
CA LYS B 203 18.44 -23.61 -10.79
C LYS B 203 18.05 -24.53 -11.96
N GLY B 204 16.84 -25.06 -11.92
CA GLY B 204 16.27 -25.93 -12.95
C GLY B 204 16.18 -25.29 -14.33
N ASN B 205 16.12 -23.94 -14.37
CA ASN B 205 16.05 -23.18 -15.63
C ASN B 205 17.41 -22.66 -16.08
N ASP B 206 18.49 -23.08 -15.40
CA ASP B 206 19.88 -22.70 -15.67
C ASP B 206 20.16 -21.18 -15.66
N VAL B 207 19.48 -20.46 -14.76
CA VAL B 207 19.66 -19.02 -14.57
C VAL B 207 21.00 -18.84 -13.86
N ARG B 208 21.83 -17.89 -14.34
CA ARG B 208 23.15 -17.60 -13.78
C ARG B 208 23.22 -16.23 -13.11
N ILE B 209 22.52 -15.23 -13.69
CA ILE B 209 22.48 -13.86 -13.16
C ILE B 209 21.12 -13.65 -12.52
N ILE B 210 21.09 -13.49 -11.19
CA ILE B 210 19.84 -13.37 -10.44
C ILE B 210 19.63 -11.96 -9.90
N LEU B 211 18.47 -11.35 -10.23
CA LEU B 211 18.08 -10.04 -9.73
C LEU B 211 17.06 -10.28 -8.62
N GLY B 212 17.48 -10.05 -7.38
CA GLY B 212 16.65 -10.28 -6.21
C GLY B 212 15.98 -9.03 -5.68
N GLN B 213 14.74 -9.18 -5.21
CA GLN B 213 13.97 -8.11 -4.58
C GLN B 213 13.23 -8.72 -3.42
N PHE B 214 13.81 -8.61 -2.24
CA PHE B 214 13.27 -9.17 -1.01
C PHE B 214 13.88 -8.48 0.19
N ASP B 215 13.23 -8.62 1.35
CA ASP B 215 13.67 -7.98 2.57
C ASP B 215 14.88 -8.64 3.23
N GLN B 216 15.44 -7.96 4.24
CA GLN B 216 16.60 -8.40 4.99
C GLN B 216 16.41 -9.78 5.62
N ASN B 217 15.25 -10.02 6.26
CA ASN B 217 14.98 -11.33 6.85
C ASN B 217 14.92 -12.45 5.81
N MET B 218 14.34 -12.18 4.64
CA MET B 218 14.25 -13.16 3.57
C MET B 218 15.59 -13.43 2.89
N ALA B 219 16.50 -12.43 2.91
CA ALA B 219 17.83 -12.55 2.28
C ALA B 219 18.64 -13.75 2.81
N ALA B 220 18.65 -13.95 4.14
CA ALA B 220 19.33 -15.09 4.77
C ALA B 220 18.74 -16.42 4.30
N LYS B 221 17.40 -16.51 4.20
CA LYS B 221 16.70 -17.70 3.71
C LYS B 221 17.05 -17.95 2.23
N VAL B 222 17.09 -16.89 1.41
CA VAL B 222 17.45 -16.97 -0.01
C VAL B 222 18.88 -17.54 -0.15
N PHE B 223 19.87 -16.95 0.55
CA PHE B 223 21.25 -17.43 0.48
C PHE B 223 21.43 -18.84 1.02
N CYS B 224 20.60 -19.23 2.01
CA CYS B 224 20.62 -20.61 2.51
C CYS B 224 20.12 -21.59 1.45
N CYS B 225 19.04 -21.22 0.72
CA CYS B 225 18.51 -22.04 -0.37
C CYS B 225 19.52 -22.10 -1.51
N ALA B 226 20.21 -20.96 -1.82
CA ALA B 226 21.25 -20.93 -2.87
C ALA B 226 22.39 -21.88 -2.50
N TYR B 227 22.77 -21.89 -1.22
CA TYR B 227 23.81 -22.78 -0.71
C TYR B 227 23.41 -24.26 -0.91
N GLU B 228 22.18 -24.63 -0.47
CA GLU B 228 21.61 -25.99 -0.58
C GLU B 228 21.53 -26.45 -2.03
N GLU B 229 21.29 -25.51 -2.97
CA GLU B 229 21.15 -25.77 -4.41
C GLU B 229 22.44 -25.57 -5.17
N ASN B 230 23.52 -25.18 -4.47
CA ASN B 230 24.84 -24.89 -5.03
C ASN B 230 24.75 -23.79 -6.12
N MET B 231 23.91 -22.78 -5.86
CA MET B 231 23.68 -21.64 -6.76
C MET B 231 24.54 -20.47 -6.32
N TYR B 232 25.85 -20.68 -6.28
CA TYR B 232 26.85 -19.70 -5.88
C TYR B 232 28.21 -20.08 -6.47
N GLY B 233 29.19 -19.21 -6.28
CA GLY B 233 30.54 -19.40 -6.81
C GLY B 233 30.73 -18.71 -8.14
N SER B 234 31.82 -19.08 -8.83
CA SER B 234 32.26 -18.51 -10.10
C SER B 234 31.22 -18.47 -11.22
N LYS B 235 30.23 -19.40 -11.21
CA LYS B 235 29.20 -19.47 -12.24
C LYS B 235 27.98 -18.56 -12.00
N TYR B 236 27.86 -17.99 -10.80
CA TYR B 236 26.68 -17.19 -10.43
C TYR B 236 26.95 -15.77 -10.02
N GLN B 237 25.97 -14.90 -10.30
CA GLN B 237 25.98 -13.52 -9.86
C GLN B 237 24.61 -13.15 -9.32
N TRP B 238 24.56 -12.88 -8.01
CA TRP B 238 23.37 -12.40 -7.31
C TRP B 238 23.48 -10.87 -7.20
N ILE B 239 22.39 -10.16 -7.59
CA ILE B 239 22.29 -8.69 -7.53
C ILE B 239 21.04 -8.42 -6.70
N ILE B 240 21.23 -7.95 -5.47
CA ILE B 240 20.13 -7.80 -4.53
C ILE B 240 20.05 -6.38 -3.92
N PRO B 241 19.02 -6.04 -3.09
CA PRO B 241 18.99 -4.70 -2.48
C PRO B 241 20.19 -4.45 -1.57
N GLY B 242 20.71 -3.23 -1.62
CA GLY B 242 21.88 -2.83 -0.83
C GLY B 242 21.55 -2.01 0.41
N TRP B 243 20.24 -1.87 0.74
CA TRP B 243 19.79 -1.07 1.87
C TRP B 243 19.68 -1.78 3.20
N TYR B 244 20.10 -3.07 3.28
CA TYR B 244 20.05 -3.83 4.53
C TYR B 244 20.99 -3.18 5.56
N GLU B 245 20.73 -3.46 6.84
CA GLU B 245 21.54 -2.96 7.96
C GLU B 245 22.96 -3.50 7.84
N PRO B 246 24.01 -2.74 8.29
CA PRO B 246 25.38 -3.28 8.22
C PRO B 246 25.45 -4.52 9.09
N SER B 247 26.11 -5.58 8.57
CA SER B 247 26.28 -6.87 9.26
C SER B 247 24.94 -7.54 9.54
N TRP B 248 23.98 -7.39 8.61
CA TRP B 248 22.63 -7.95 8.67
C TRP B 248 22.66 -9.48 8.81
N TRP B 249 23.71 -10.13 8.25
CA TRP B 249 23.95 -11.57 8.30
C TRP B 249 24.30 -12.02 9.73
N GLU B 250 25.06 -11.19 10.48
CA GLU B 250 25.47 -11.47 11.85
C GLU B 250 24.67 -10.66 12.90
N CYS B 261 20.99 -22.59 7.96
CA CYS B 261 22.38 -22.54 7.50
C CYS B 261 23.35 -22.11 8.57
N LEU B 262 24.50 -22.80 8.63
CA LEU B 262 25.59 -22.40 9.51
C LEU B 262 26.18 -21.14 8.90
N ARG B 263 26.65 -20.21 9.73
CA ARG B 263 27.24 -18.95 9.26
C ARG B 263 28.26 -19.15 8.14
N LYS B 264 29.19 -20.14 8.25
CA LYS B 264 30.21 -20.39 7.23
C LYS B 264 29.60 -20.75 5.86
N ASN B 265 28.49 -21.53 5.86
CA ASN B 265 27.80 -21.95 4.65
C ASN B 265 27.05 -20.80 4.03
N LEU B 266 26.45 -19.93 4.87
CA LEU B 266 25.75 -18.73 4.43
C LEU B 266 26.78 -17.80 3.74
N LEU B 267 27.94 -17.59 4.39
CA LEU B 267 29.02 -16.75 3.87
C LEU B 267 29.58 -17.23 2.55
N ALA B 268 29.67 -18.56 2.36
CA ALA B 268 30.14 -19.15 1.10
C ALA B 268 29.18 -18.76 -0.04
N ALA B 269 27.85 -18.88 0.20
CA ALA B 269 26.81 -18.54 -0.78
C ALA B 269 26.74 -17.04 -1.09
N MET B 270 27.00 -16.20 -0.07
CA MET B 270 26.94 -14.73 -0.15
C MET B 270 28.12 -14.12 -0.88
N GLU B 271 29.28 -14.82 -0.92
CA GLU B 271 30.48 -14.30 -1.54
C GLU B 271 30.27 -13.74 -2.93
N GLY B 272 30.63 -12.47 -3.08
CA GLY B 272 30.56 -11.75 -4.35
C GLY B 272 29.21 -11.16 -4.73
N TYR B 273 28.17 -11.27 -3.84
CA TYR B 273 26.88 -10.69 -4.22
C TYR B 273 27.03 -9.18 -4.34
N ILE B 274 26.29 -8.59 -5.27
CA ILE B 274 26.27 -7.16 -5.52
C ILE B 274 25.02 -6.55 -4.89
N GLY B 275 25.22 -5.53 -4.06
CA GLY B 275 24.16 -4.77 -3.42
C GLY B 275 23.96 -3.46 -4.16
N VAL B 276 22.70 -3.01 -4.25
CA VAL B 276 22.38 -1.77 -4.99
C VAL B 276 21.52 -0.87 -4.09
N ASP B 277 21.98 0.38 -3.86
CA ASP B 277 21.30 1.35 -2.99
C ASP B 277 21.66 2.78 -3.43
N PHE B 278 21.04 3.80 -2.82
CA PHE B 278 21.40 5.18 -3.13
C PHE B 278 22.78 5.49 -2.54
N GLU B 279 23.45 6.50 -3.11
CA GLU B 279 24.76 6.99 -2.66
C GLU B 279 24.51 8.06 -1.57
N PRO B 280 24.97 7.88 -0.31
CA PRO B 280 24.68 8.88 0.74
C PRO B 280 25.17 10.30 0.47
N LEU B 281 26.39 10.44 -0.06
CA LEU B 281 26.99 11.75 -0.39
C LEU B 281 27.76 11.66 -1.70
N SER B 282 27.83 12.78 -2.44
CA SER B 282 28.55 12.86 -3.71
C SER B 282 30.05 12.67 -3.52
N SER B 283 30.68 11.94 -4.47
CA SER B 283 32.11 11.64 -4.52
C SER B 283 32.89 12.79 -5.16
N LYS B 284 32.18 13.71 -5.84
CA LYS B 284 32.77 14.87 -6.53
C LYS B 284 33.19 15.94 -5.57
N GLN B 285 34.40 16.48 -5.79
CA GLN B 285 34.99 17.54 -4.95
C GLN B 285 34.65 18.92 -5.53
N ILE B 286 33.41 19.11 -5.98
CA ILE B 286 32.93 20.36 -6.55
C ILE B 286 32.14 21.16 -5.53
N LYS B 287 32.22 22.50 -5.62
CA LYS B 287 31.51 23.41 -4.73
C LYS B 287 30.01 23.32 -5.01
N THR B 288 29.23 23.02 -3.97
CA THR B 288 27.77 22.89 -4.06
C THR B 288 27.12 24.30 -3.92
N ILE B 289 25.78 24.38 -3.98
CA ILE B 289 25.01 25.63 -3.80
C ILE B 289 25.42 26.41 -2.53
N SER B 290 25.79 25.69 -1.44
CA SER B 290 26.21 26.27 -0.17
C SER B 290 27.62 26.90 -0.24
N GLY B 291 28.34 26.62 -1.32
CA GLY B 291 29.72 27.09 -1.49
C GLY B 291 30.72 26.14 -0.87
N LYS B 292 30.23 25.02 -0.33
CA LYS B 292 31.03 23.98 0.32
C LYS B 292 30.99 22.70 -0.50
N THR B 293 32.11 21.96 -0.53
CA THR B 293 32.17 20.69 -1.25
C THR B 293 31.47 19.62 -0.36
N PRO B 294 31.04 18.46 -0.91
CA PRO B 294 30.42 17.43 -0.07
C PRO B 294 31.28 17.00 1.13
N GLN B 295 32.62 16.94 0.95
CA GLN B 295 33.62 16.58 1.96
C GLN B 295 33.66 17.57 3.13
N GLN B 296 33.65 18.90 2.82
CA GLN B 296 33.64 19.99 3.80
C GLN B 296 32.32 19.97 4.58
N TYR B 297 31.20 19.68 3.86
CA TYR B 297 29.90 19.57 4.52
C TYR B 297 29.93 18.39 5.51
N GLU B 298 30.43 17.21 5.07
CA GLU B 298 30.51 15.99 5.89
C GLU B 298 31.24 16.23 7.24
N ARG B 299 32.38 16.96 7.19
CA ARG B 299 33.16 17.32 8.39
C ARG B 299 32.37 18.25 9.30
N GLU B 300 31.70 19.27 8.70
CA GLU B 300 30.87 20.21 9.46
C GLU B 300 29.70 19.49 10.12
N TYR B 301 29.11 18.48 9.42
CA TYR B 301 28.01 17.67 9.95
C TYR B 301 28.51 16.87 11.16
N ASN B 302 29.64 16.16 11.03
CA ASN B 302 30.18 15.38 12.14
C ASN B 302 30.56 16.23 13.36
N ASN B 303 30.99 17.50 13.13
CA ASN B 303 31.33 18.43 14.21
C ASN B 303 30.06 18.96 14.93
N LYS B 304 28.99 19.27 14.17
CA LYS B 304 27.72 19.79 14.72
C LYS B 304 26.95 18.77 15.58
N ARG B 305 26.87 17.49 15.12
CA ARG B 305 26.17 16.45 15.88
C ARG B 305 26.88 16.13 17.19
N SER B 306 26.11 15.96 18.28
CA SER B 306 26.68 15.79 19.63
C SER B 306 26.27 14.54 20.43
N GLY B 307 24.95 14.37 20.63
CA GLY B 307 24.36 13.28 21.40
C GLY B 307 23.59 12.34 20.50
N VAL B 308 24.10 12.18 19.26
CA VAL B 308 23.47 11.36 18.24
C VAL B 308 24.45 10.69 17.28
N GLY B 309 24.08 9.49 16.84
CA GLY B 309 24.81 8.72 15.85
C GLY B 309 24.52 9.27 14.46
N PRO B 310 25.43 9.08 13.48
CA PRO B 310 25.16 9.62 12.14
C PRO B 310 24.00 8.92 11.43
N SER B 311 23.32 9.60 10.50
CA SER B 311 22.23 9.01 9.72
C SER B 311 22.62 9.05 8.25
N LYS B 312 22.41 7.95 7.52
CA LYS B 312 22.75 7.88 6.08
C LYS B 312 21.94 8.85 5.20
N PHE B 313 20.83 9.40 5.74
CA PHE B 313 19.94 10.35 5.04
C PHE B 313 20.29 11.82 5.33
N HIS B 314 21.34 12.09 6.13
CA HIS B 314 21.71 13.47 6.52
C HIS B 314 21.93 14.44 5.35
N GLY B 315 22.62 13.99 4.30
CA GLY B 315 22.86 14.77 3.09
C GLY B 315 21.56 15.09 2.34
N TYR B 316 20.63 14.11 2.32
CA TYR B 316 19.31 14.25 1.70
C TYR B 316 18.44 15.24 2.45
N ALA B 317 18.59 15.27 3.79
CA ALA B 317 17.88 16.22 4.66
C ALA B 317 18.43 17.62 4.43
N TYR B 318 19.78 17.75 4.39
CA TYR B 318 20.49 19.00 4.14
C TYR B 318 20.05 19.63 2.80
N ASP B 319 20.13 18.86 1.70
CA ASP B 319 19.73 19.28 0.35
C ASP B 319 18.21 19.56 0.31
N GLY B 320 17.44 18.81 1.11
CA GLY B 320 16.00 18.97 1.26
C GLY B 320 15.63 20.36 1.75
N ILE B 321 16.42 20.89 2.74
CA ILE B 321 16.20 22.25 3.24
C ILE B 321 16.52 23.26 2.12
N TRP B 322 17.59 23.01 1.34
CA TRP B 322 17.95 23.88 0.21
C TRP B 322 16.84 23.89 -0.86
N VAL B 323 16.18 22.73 -1.13
CA VAL B 323 15.06 22.60 -2.08
C VAL B 323 13.90 23.49 -1.61
N ILE B 324 13.55 23.42 -0.31
CA ILE B 324 12.50 24.24 0.29
C ILE B 324 12.80 25.75 0.12
N ALA B 325 14.04 26.16 0.45
CA ALA B 325 14.49 27.55 0.33
C ALA B 325 14.43 28.05 -1.10
N LYS B 326 14.95 27.27 -2.06
CA LYS B 326 14.94 27.65 -3.48
C LYS B 326 13.50 27.70 -4.03
N THR B 327 12.62 26.78 -3.58
CA THR B 327 11.20 26.73 -3.94
C THR B 327 10.50 28.00 -3.49
N LEU B 328 10.69 28.36 -2.21
CA LEU B 328 10.12 29.56 -1.60
C LEU B 328 10.60 30.83 -2.31
N GLN B 329 11.91 30.91 -2.63
CA GLN B 329 12.50 32.03 -3.35
C GLN B 329 11.81 32.16 -4.71
N ARG B 330 11.65 31.03 -5.43
CA ARG B 330 10.96 31.03 -6.72
C ARG B 330 9.49 31.44 -6.57
N ALA B 331 8.79 30.95 -5.53
CA ALA B 331 7.40 31.26 -5.22
C ALA B 331 7.17 32.76 -4.99
N MET B 332 8.22 33.50 -4.63
CA MET B 332 8.16 34.94 -4.39
C MET B 332 8.67 35.79 -5.54
N GLU B 333 9.15 35.17 -6.64
CA GLU B 333 9.69 35.89 -7.80
C GLU B 333 8.60 36.36 -8.76
N THR B 334 8.05 37.54 -8.49
CA THR B 334 7.00 38.14 -9.33
C THR B 334 7.00 39.63 -9.14
N LEU B 335 6.65 40.38 -10.19
CA LEU B 335 6.51 41.82 -10.06
C LEU B 335 5.19 42.18 -9.33
N HIS B 336 4.28 41.18 -9.16
CA HIS B 336 3.06 41.33 -8.36
C HIS B 336 3.45 40.98 -6.90
N ALA B 337 4.53 41.62 -6.41
CA ALA B 337 5.16 41.39 -5.11
C ALA B 337 4.27 41.50 -3.88
N SER B 338 3.59 42.65 -3.70
CA SER B 338 2.73 42.85 -2.52
C SER B 338 1.58 41.84 -2.45
N SER B 339 0.96 41.52 -3.60
CA SER B 339 -0.13 40.55 -3.72
C SER B 339 0.37 39.14 -3.38
N ARG B 340 1.55 38.76 -3.91
CA ARG B 340 2.15 37.45 -3.65
C ARG B 340 2.49 37.30 -2.15
N HIS B 341 3.09 38.34 -1.53
CA HIS B 341 3.41 38.34 -0.11
C HIS B 341 2.14 38.25 0.75
N GLN B 342 1.06 38.94 0.32
CA GLN B 342 -0.23 38.92 1.01
C GLN B 342 -0.84 37.54 0.94
N ARG B 343 -0.80 36.90 -0.25
CA ARG B 343 -1.31 35.54 -0.47
C ARG B 343 -0.60 34.54 0.47
N ILE B 344 0.74 34.68 0.62
CA ILE B 344 1.56 33.83 1.49
C ILE B 344 1.15 34.01 2.96
N GLN B 345 0.99 35.28 3.40
CA GLN B 345 0.57 35.66 4.74
C GLN B 345 -0.84 35.12 5.05
N ASP B 346 -1.73 35.16 4.06
CA ASP B 346 -3.13 34.73 4.16
C ASP B 346 -3.33 33.20 4.14
N PHE B 347 -2.33 32.43 3.70
CA PHE B 347 -2.48 30.98 3.55
C PHE B 347 -3.04 30.28 4.77
N ASN B 348 -4.12 29.52 4.55
CA ASN B 348 -4.78 28.74 5.59
C ASN B 348 -5.29 27.42 5.02
N TYR B 349 -4.44 26.75 4.21
CA TYR B 349 -4.69 25.42 3.61
C TYR B 349 -5.76 25.34 2.53
N THR B 350 -6.49 26.43 2.31
CA THR B 350 -7.60 26.45 1.33
C THR B 350 -7.25 27.01 -0.06
N ASP B 351 -6.11 27.70 -0.17
CA ASP B 351 -5.70 28.32 -1.42
C ASP B 351 -5.02 27.39 -2.41
N HIS B 352 -5.81 26.92 -3.39
CA HIS B 352 -5.35 26.04 -4.46
C HIS B 352 -4.28 26.72 -5.31
N THR B 353 -4.42 28.05 -5.53
CA THR B 353 -3.46 28.83 -6.32
C THR B 353 -2.06 28.82 -5.73
N LEU B 354 -1.93 29.10 -4.41
CA LEU B 354 -0.61 29.08 -3.77
C LEU B 354 0.01 27.68 -3.78
N GLY B 355 -0.80 26.63 -3.54
CA GLY B 355 -0.34 25.26 -3.58
C GLY B 355 0.27 24.95 -4.94
N ARG B 356 -0.42 25.40 -6.03
CA ARG B 356 0.02 25.25 -7.42
C ARG B 356 1.33 26.00 -7.70
N ILE B 357 1.46 27.23 -7.15
CA ILE B 357 2.67 28.05 -7.30
C ILE B 357 3.85 27.32 -6.66
N ILE B 358 3.65 26.79 -5.44
CA ILE B 358 4.69 26.07 -4.72
C ILE B 358 5.05 24.78 -5.47
N LEU B 359 4.05 24.02 -5.91
CA LEU B 359 4.25 22.76 -6.64
C LEU B 359 5.07 22.98 -7.91
N ASN B 360 4.72 24.01 -8.69
CA ASN B 360 5.43 24.37 -9.90
C ASN B 360 6.86 24.83 -9.63
N ALA B 361 7.06 25.62 -8.54
CA ALA B 361 8.39 26.09 -8.14
C ALA B 361 9.29 24.91 -7.77
N MET B 362 8.78 23.92 -6.99
CA MET B 362 9.56 22.74 -6.60
C MET B 362 9.94 21.90 -7.80
N ASN B 363 9.03 21.77 -8.75
CA ASN B 363 9.21 21.04 -10.00
C ASN B 363 10.40 21.58 -10.82
N GLU B 364 10.70 22.90 -10.67
CA GLU B 364 11.79 23.61 -11.37
C GLU B 364 13.16 23.41 -10.72
N THR B 365 13.23 22.77 -9.53
CA THR B 365 14.48 22.53 -8.79
C THR B 365 15.60 22.00 -9.68
N ASN B 366 16.78 22.63 -9.61
CA ASN B 366 17.96 22.22 -10.36
C ASN B 366 19.21 22.90 -9.81
N PHE B 367 19.87 22.26 -8.86
CA PHE B 367 21.10 22.79 -8.27
C PHE B 367 22.01 21.65 -7.87
N PHE B 368 23.29 21.99 -7.61
CA PHE B 368 24.25 20.99 -7.16
C PHE B 368 24.27 20.97 -5.64
N GLY B 369 23.82 19.85 -5.09
CA GLY B 369 23.75 19.63 -3.65
C GLY B 369 24.86 18.73 -3.15
N VAL B 370 24.87 18.46 -1.84
CA VAL B 370 25.88 17.57 -1.23
C VAL B 370 25.71 16.11 -1.68
N THR B 371 24.50 15.76 -2.16
CA THR B 371 24.17 14.41 -2.65
C THR B 371 24.26 14.38 -4.18
N GLY B 372 24.80 15.43 -4.77
CA GLY B 372 24.92 15.55 -6.21
C GLY B 372 23.86 16.47 -6.79
N GLN B 373 23.73 16.50 -8.12
CA GLN B 373 22.77 17.35 -8.81
C GLN B 373 21.36 17.02 -8.32
N VAL B 374 20.69 18.01 -7.70
CA VAL B 374 19.33 17.87 -7.17
C VAL B 374 18.33 18.31 -8.24
N VAL B 375 17.64 17.33 -8.84
CA VAL B 375 16.64 17.53 -9.90
C VAL B 375 15.58 16.43 -9.77
N PHE B 376 14.32 16.76 -10.08
CA PHE B 376 13.19 15.82 -10.00
C PHE B 376 12.65 15.45 -11.36
N ARG B 377 12.14 14.22 -11.46
CA ARG B 377 11.41 13.72 -12.62
C ARG B 377 10.10 13.20 -12.06
N ASN B 378 9.00 13.95 -12.27
CA ASN B 378 7.66 13.61 -11.76
C ASN B 378 7.68 13.34 -10.26
N GLY B 379 8.34 14.23 -9.52
CA GLY B 379 8.46 14.18 -8.07
C GLY B 379 9.51 13.24 -7.52
N GLU B 380 10.14 12.43 -8.40
CA GLU B 380 11.16 11.45 -8.03
C GLU B 380 12.56 12.01 -8.23
N ARG B 381 13.46 11.72 -7.28
CA ARG B 381 14.83 12.21 -7.42
C ARG B 381 15.59 11.53 -8.54
N MET B 382 16.27 12.33 -9.39
CA MET B 382 17.23 11.86 -10.39
C MET B 382 18.56 12.02 -9.62
N GLY B 383 19.09 10.90 -9.13
CA GLY B 383 20.29 10.92 -8.29
C GLY B 383 21.37 9.91 -8.60
N THR B 384 22.13 9.55 -7.55
CA THR B 384 23.24 8.61 -7.64
C THR B 384 22.94 7.31 -6.89
N ILE B 385 23.22 6.21 -7.58
CA ILE B 385 23.08 4.85 -7.09
C ILE B 385 24.48 4.26 -6.85
N LYS B 386 24.68 3.63 -5.70
CA LYS B 386 25.93 3.01 -5.26
C LYS B 386 25.86 1.49 -5.39
N PHE B 387 26.91 0.90 -5.96
CA PHE B 387 27.05 -0.54 -6.06
C PHE B 387 28.07 -0.98 -5.02
N THR B 388 27.75 -2.06 -4.31
CA THR B 388 28.63 -2.67 -3.33
C THR B 388 28.78 -4.14 -3.68
N GLN B 389 29.85 -4.77 -3.23
CA GLN B 389 30.04 -6.20 -3.41
C GLN B 389 30.47 -6.79 -2.08
N PHE B 390 29.87 -7.94 -1.72
CA PHE B 390 30.19 -8.63 -0.48
C PHE B 390 31.51 -9.35 -0.69
N GLN B 391 32.52 -8.99 0.10
CA GLN B 391 33.85 -9.58 -0.02
C GLN B 391 34.35 -9.89 1.39
N ASP B 392 34.26 -11.16 1.83
CA ASP B 392 34.72 -11.60 3.16
C ASP B 392 34.16 -10.84 4.35
N SER B 393 32.84 -10.88 4.55
CA SER B 393 32.13 -10.22 5.64
C SER B 393 32.21 -8.68 5.64
N ARG B 394 32.51 -8.10 4.47
CA ARG B 394 32.56 -6.66 4.28
C ARG B 394 31.90 -6.29 2.96
N GLU B 395 31.14 -5.20 2.97
CA GLU B 395 30.53 -4.71 1.75
C GLU B 395 31.42 -3.61 1.23
N VAL B 396 32.06 -3.86 0.08
CA VAL B 396 33.01 -2.95 -0.55
C VAL B 396 32.31 -2.18 -1.66
N LYS B 397 32.46 -0.84 -1.68
CA LYS B 397 31.90 0.00 -2.74
C LYS B 397 32.66 -0.32 -4.03
N VAL B 398 31.92 -0.62 -5.12
CA VAL B 398 32.51 -1.02 -6.42
C VAL B 398 32.11 -0.13 -7.60
N GLY B 399 31.13 0.73 -7.40
CA GLY B 399 30.68 1.60 -8.46
C GLY B 399 29.60 2.59 -8.08
N GLU B 400 29.31 3.47 -9.03
CA GLU B 400 28.32 4.53 -8.92
C GLU B 400 27.65 4.66 -10.27
N TYR B 401 26.35 4.88 -10.24
CA TYR B 401 25.56 5.13 -11.44
C TYR B 401 24.92 6.51 -11.26
N ASN B 402 25.06 7.36 -12.25
CA ASN B 402 24.46 8.70 -12.21
C ASN B 402 23.25 8.70 -13.14
N ALA B 403 22.04 8.92 -12.58
CA ALA B 403 20.78 8.89 -13.35
C ALA B 403 20.63 9.98 -14.40
N VAL B 404 21.06 11.21 -14.10
CA VAL B 404 20.98 12.34 -15.04
C VAL B 404 21.77 12.04 -16.30
N ALA B 405 23.05 11.64 -16.13
CA ALA B 405 23.94 11.31 -17.24
C ALA B 405 23.71 9.91 -17.78
N ASP B 406 23.00 9.03 -17.02
CA ASP B 406 22.76 7.61 -17.35
C ASP B 406 24.12 6.90 -17.61
N THR B 407 25.08 7.16 -16.72
CA THR B 407 26.44 6.62 -16.81
C THR B 407 26.80 5.79 -15.59
N LEU B 408 27.57 4.72 -15.82
CA LEU B 408 28.09 3.84 -14.78
C LEU B 408 29.61 3.94 -14.71
N GLU B 409 30.13 4.19 -13.52
CA GLU B 409 31.57 4.24 -13.27
C GLU B 409 31.87 3.07 -12.33
N ILE B 410 32.65 2.08 -12.80
CA ILE B 410 33.06 0.93 -11.98
C ILE B 410 34.43 1.29 -11.38
N ILE B 411 34.59 1.16 -10.05
CA ILE B 411 35.86 1.49 -9.38
C ILE B 411 36.92 0.46 -9.76
N ASN B 412 38.06 0.93 -10.31
CA ASN B 412 39.17 0.05 -10.68
C ASN B 412 39.71 -0.66 -9.44
N ASP B 413 40.03 -1.96 -9.56
CA ASP B 413 40.59 -2.81 -8.51
C ASP B 413 39.74 -2.92 -7.22
N THR B 414 38.44 -3.18 -7.38
CA THR B 414 37.53 -3.36 -6.25
C THR B 414 36.70 -4.59 -6.51
N ILE B 415 35.84 -4.55 -7.55
CA ILE B 415 34.96 -5.65 -7.95
C ILE B 415 35.78 -6.89 -8.32
N ARG B 416 35.44 -8.02 -7.71
CA ARG B 416 36.15 -9.25 -7.96
C ARG B 416 35.21 -10.41 -8.28
N PHE B 417 35.71 -11.36 -9.07
CA PHE B 417 34.98 -12.55 -9.46
C PHE B 417 35.78 -13.79 -9.08
N GLN B 418 35.10 -14.80 -8.50
CA GLN B 418 35.68 -16.06 -8.03
C GLN B 418 36.39 -16.85 -9.12
N GLY B 419 35.94 -16.70 -10.37
CA GLY B 419 36.54 -17.34 -11.52
C GLY B 419 37.59 -16.46 -12.18
N SER B 420 38.24 -16.97 -13.24
CA SER B 420 39.26 -16.24 -14.00
C SER B 420 38.63 -15.06 -14.77
N GLU B 421 37.30 -15.13 -15.00
CA GLU B 421 36.49 -14.17 -15.73
C GLU B 421 35.12 -13.97 -15.03
N PRO B 422 34.39 -12.85 -15.28
CA PRO B 422 33.02 -12.72 -14.72
C PRO B 422 32.12 -13.86 -15.21
N PRO B 423 31.07 -14.30 -14.47
CA PRO B 423 30.24 -15.41 -14.98
C PRO B 423 29.55 -15.10 -16.30
N LYS B 424 29.29 -16.15 -17.09
CA LYS B 424 28.59 -16.06 -18.36
C LYS B 424 27.10 -16.15 -18.04
N ASP B 425 26.24 -15.50 -18.83
CA ASP B 425 24.79 -15.51 -18.58
C ASP B 425 24.11 -16.86 -18.90
N ASP B 426 24.87 -17.82 -19.50
CA ASP B 426 24.41 -19.16 -19.89
C ASP B 426 25.49 -20.21 -19.58
N ABU C . -17.99 -6.94 0.35
CD ABU C . -17.41 -5.64 0.04
CB ABU C . -16.14 -5.41 0.85
CG ABU C . -15.46 -4.11 0.43
C ABU C . -14.14 -3.86 1.15
O ABU C . -13.57 -2.80 0.97
OXT ABU C . -13.57 -4.74 1.98
C1 NAG D . 7.76 19.99 -14.42
C2 NAG D . 6.80 20.54 -15.51
C3 NAG D . 7.08 19.96 -16.93
C4 NAG D . 8.59 19.95 -17.28
C5 NAG D . 9.39 19.31 -16.11
C6 NAG D . 10.93 19.16 -16.35
C7 NAG D . 4.56 21.56 -15.05
C8 NAG D . 5.19 22.93 -15.37
N2 NAG D . 5.38 20.45 -15.14
O3 NAG D . 6.39 20.82 -17.87
O4 NAG D . 8.74 19.18 -18.47
O5 NAG D . 9.12 20.03 -14.88
O6 NAG D . 11.69 20.38 -16.60
O7 NAG D . 3.36 21.44 -14.73
#